data_2PD6
#
_entry.id   2PD6
#
_cell.length_a   68.839
_cell.length_b   62.429
_cell.length_c   102.439
_cell.angle_alpha   90.00
_cell.angle_beta   99.22
_cell.angle_gamma   90.00
#
_symmetry.space_group_name_H-M   'P 1 21 1'
#
loop_
_entity.id
_entity.type
_entity.pdbx_description
1 polymer 'Estradiol 17-beta-dehydrogenase 8'
2 non-polymer NICOTINAMIDE-ADENINE-DINUCLEOTIDE
3 water water
#
_entity_poly.entity_id   1
_entity_poly.type   'polypeptide(L)'
_entity_poly.pdbx_seq_one_letter_code
;MQNRLRSALALVTGAGSGIGRAVSVRLAGEGATVAACDLDRAAAQETVRLLGGPGSKEGPPRGNHAAFQADVSEARAARC
LLEQVQACFSRPPSVVVSCAGITQDEFLLHMSEDDWDKVIAVNLKGTFLVTQAAAQALVSNGCRGSIINISSIVGKVGNV
GQTNYAASKAGVIGLTQTAARELGRHGIRCNSVLPGFIATPMTQKVPQKVVDKITEMIPMGHLGDPEDVADVVAFLASED
SGYITGTSVEVTGGLFMAENLYFQ
;
_entity_poly.pdbx_strand_id   A,B,C,D
#
loop_
_chem_comp.id
_chem_comp.type
_chem_comp.name
_chem_comp.formula
NAD non-polymer NICOTINAMIDE-ADENINE-DINUCLEOTIDE 'C21 H27 N7 O14 P2'
#
# COMPACT_ATOMS: atom_id res chain seq x y z
N MET A 1 -8.33 1.78 30.49
CA MET A 1 -9.71 1.26 30.25
C MET A 1 -10.78 2.34 30.45
N GLN A 2 -11.82 2.24 29.63
CA GLN A 2 -12.99 3.13 29.65
C GLN A 2 -14.25 2.28 29.57
N ASN A 3 -15.41 2.90 29.42
CA ASN A 3 -16.71 2.18 29.43
C ASN A 3 -17.59 2.52 28.23
N ARG A 4 -17.13 2.16 27.03
CA ARG A 4 -17.82 2.60 25.83
C ARG A 4 -18.76 1.54 25.24
N LEU A 5 -18.89 0.41 25.92
CA LEU A 5 -19.61 -0.71 25.34
C LEU A 5 -20.69 -1.25 26.26
N ARG A 6 -21.30 -0.40 27.09
CA ARG A 6 -22.21 -0.88 28.12
C ARG A 6 -23.43 -1.64 27.56
N SER A 7 -23.87 -1.30 26.36
CA SER A 7 -24.99 -2.02 25.71
C SER A 7 -24.57 -3.11 24.72
N ALA A 8 -23.26 -3.35 24.57
CA ALA A 8 -22.77 -4.22 23.50
C ALA A 8 -22.89 -5.72 23.90
N LEU A 9 -23.23 -6.56 22.93
CA LEU A 9 -22.98 -7.98 22.97
C LEU A 9 -21.83 -8.25 22.02
N ALA A 10 -20.73 -8.80 22.54
CA ALA A 10 -19.55 -9.01 21.73
C ALA A 10 -19.34 -10.50 21.57
N LEU A 11 -19.15 -10.94 20.34
CA LEU A 11 -18.76 -12.31 20.06
C LEU A 11 -17.27 -12.33 19.69
N VAL A 12 -16.49 -13.12 20.39
CA VAL A 12 -15.07 -13.20 20.19
C VAL A 12 -14.72 -14.65 19.88
N THR A 13 -14.15 -14.90 18.71
CA THR A 13 -13.66 -16.25 18.35
C THR A 13 -12.20 -16.35 18.67
N GLY A 14 -11.73 -17.56 18.95
CA GLY A 14 -10.38 -17.75 19.53
C GLY A 14 -10.22 -17.07 20.89
N ALA A 15 -11.33 -16.99 21.63
CA ALA A 15 -11.40 -16.32 22.93
C ALA A 15 -10.71 -17.06 24.06
N GLY A 16 -10.28 -18.28 23.77
CA GLY A 16 -9.69 -19.15 24.76
C GLY A 16 -8.23 -18.87 25.07
N SER A 17 -7.53 -18.07 24.25
CA SER A 17 -6.09 -17.86 24.47
C SER A 17 -5.63 -16.52 23.95
N GLY A 18 -4.45 -16.08 24.37
CA GLY A 18 -3.74 -14.96 23.75
C GLY A 18 -4.56 -13.72 23.48
N ILE A 19 -4.59 -13.32 22.22
CA ILE A 19 -5.25 -12.08 21.82
C ILE A 19 -6.75 -12.17 22.03
N GLY A 20 -7.33 -13.28 21.70
CA GLY A 20 -8.76 -13.47 21.92
C GLY A 20 -9.16 -13.28 23.37
N ARG A 21 -8.38 -13.85 24.27
CA ARG A 21 -8.63 -13.73 25.70
C ARG A 21 -8.44 -12.29 26.17
N ALA A 22 -7.33 -11.67 25.80
CA ALA A 22 -7.14 -10.26 26.15
C ALA A 22 -8.29 -9.39 25.62
N VAL A 23 -8.77 -9.69 24.40
CA VAL A 23 -9.84 -8.91 23.78
C VAL A 23 -11.13 -9.07 24.63
N SER A 24 -11.47 -10.31 24.97
CA SER A 24 -12.62 -10.59 25.84
C SER A 24 -12.55 -9.84 27.18
N VAL A 25 -11.38 -9.86 27.82
CA VAL A 25 -11.21 -9.14 29.11
C VAL A 25 -11.38 -7.64 28.88
N ARG A 26 -10.87 -7.10 27.78
CA ARG A 26 -10.97 -5.63 27.57
C ARG A 26 -12.40 -5.20 27.24
N LEU A 27 -13.04 -5.96 26.36
CA LEU A 27 -14.42 -5.62 25.99
C LEU A 27 -15.37 -5.73 27.19
N ALA A 28 -15.24 -6.77 28.00
CA ALA A 28 -15.99 -6.85 29.26
C ALA A 28 -15.70 -5.70 30.19
N GLY A 29 -14.44 -5.32 30.27
CA GLY A 29 -14.06 -4.18 31.07
C GLY A 29 -14.74 -2.88 30.64
N GLU A 30 -15.05 -2.75 29.34
CA GLU A 30 -15.79 -1.59 28.80
C GLU A 30 -17.32 -1.68 28.96
N GLY A 31 -17.78 -2.79 29.52
CA GLY A 31 -19.19 -2.98 29.84
C GLY A 31 -19.90 -3.95 28.95
N ALA A 32 -19.21 -4.57 27.99
CA ALA A 32 -19.86 -5.47 27.04
C ALA A 32 -20.15 -6.80 27.71
N THR A 33 -21.21 -7.45 27.26
CA THR A 33 -21.47 -8.86 27.57
C THR A 33 -20.75 -9.67 26.47
N VAL A 34 -19.93 -10.63 26.88
CA VAL A 34 -19.09 -11.36 25.95
C VAL A 34 -19.60 -12.78 25.74
N ALA A 35 -19.79 -13.11 24.46
CA ALA A 35 -19.90 -14.48 23.96
C ALA A 35 -18.49 -14.95 23.52
N ALA A 36 -17.89 -15.77 24.34
CA ALA A 36 -16.51 -16.24 24.15
C ALA A 36 -16.55 -17.55 23.47
N CYS A 37 -16.06 -17.57 22.24
CA CYS A 37 -16.08 -18.79 21.42
C CYS A 37 -14.65 -19.30 21.18
N ASP A 38 -14.48 -20.61 21.29
CA ASP A 38 -13.18 -21.23 20.96
C ASP A 38 -13.42 -22.66 20.46
N LEU A 39 -12.49 -23.18 19.70
CA LEU A 39 -12.52 -24.58 19.32
C LEU A 39 -12.50 -25.45 20.58
N ASP A 40 -11.81 -24.97 21.61
CA ASP A 40 -11.62 -25.70 22.87
C ASP A 40 -12.57 -25.09 23.87
N ARG A 41 -13.62 -25.82 24.19
CA ARG A 41 -14.67 -25.31 25.02
C ARG A 41 -14.14 -24.94 26.42
N ALA A 42 -13.25 -25.76 27.00
CA ALA A 42 -12.69 -25.42 28.30
C ALA A 42 -11.84 -24.15 28.29
N ALA A 43 -11.26 -23.77 27.16
CA ALA A 43 -10.49 -22.53 27.08
C ALA A 43 -11.43 -21.31 27.08
N ALA A 44 -12.53 -21.44 26.36
CA ALA A 44 -13.62 -20.46 26.36
C ALA A 44 -14.23 -20.29 27.77
N GLN A 45 -14.49 -21.40 28.47
CA GLN A 45 -15.02 -21.30 29.82
C GLN A 45 -14.02 -20.64 30.75
N GLU A 46 -12.74 -20.96 30.64
CA GLU A 46 -11.73 -20.32 31.48
C GLU A 46 -11.73 -18.78 31.26
N THR A 47 -11.76 -18.36 30.02
CA THR A 47 -11.84 -16.92 29.69
C THR A 47 -13.06 -16.25 30.36
N VAL A 48 -14.21 -16.90 30.30
CA VAL A 48 -15.43 -16.37 30.92
C VAL A 48 -15.25 -16.20 32.44
N ARG A 49 -14.57 -17.15 33.08
CA ARG A 49 -14.26 -17.04 34.50
C ARG A 49 -13.39 -15.83 34.83
N LEU A 50 -12.54 -15.41 33.90
CA LEU A 50 -11.67 -14.24 34.10
C LEU A 50 -12.35 -12.88 33.87
N LEU A 51 -13.58 -12.86 33.37
CA LEU A 51 -14.26 -11.60 33.06
C LEU A 51 -14.99 -11.09 34.29
N ASN A 64 -25.44 -12.01 31.24
CA ASN A 64 -24.17 -12.54 31.74
C ASN A 64 -23.32 -13.21 30.68
N HIS A 65 -22.00 -13.18 30.86
CA HIS A 65 -21.09 -13.73 29.87
C HIS A 65 -21.34 -15.21 29.66
N ALA A 66 -21.03 -15.70 28.47
CA ALA A 66 -21.18 -17.12 28.13
C ALA A 66 -20.13 -17.67 27.17
N ALA A 67 -19.88 -18.96 27.31
CA ALA A 67 -18.89 -19.66 26.49
C ALA A 67 -19.60 -20.53 25.46
N PHE A 68 -19.02 -20.56 24.27
CA PHE A 68 -19.50 -21.34 23.15
C PHE A 68 -18.38 -22.12 22.50
N GLN A 69 -18.67 -23.35 22.12
CA GLN A 69 -17.68 -24.14 21.36
C GLN A 69 -18.04 -24.08 19.88
N ALA A 70 -17.04 -23.86 19.04
CA ALA A 70 -17.22 -23.91 17.60
C ALA A 70 -15.90 -24.08 16.84
N ASP A 71 -15.91 -24.87 15.78
CA ASP A 71 -14.82 -24.83 14.79
C ASP A 71 -15.26 -23.90 13.68
N VAL A 72 -14.70 -22.69 13.64
CA VAL A 72 -15.15 -21.63 12.71
C VAL A 72 -14.82 -21.91 11.24
N SER A 73 -13.94 -22.87 10.98
CA SER A 73 -13.67 -23.28 9.61
C SER A 73 -14.85 -24.10 9.02
N GLU A 74 -15.75 -24.56 9.85
CA GLU A 74 -16.90 -25.33 9.39
C GLU A 74 -18.11 -24.40 9.13
N ALA A 75 -18.67 -24.43 7.93
CA ALA A 75 -19.84 -23.61 7.59
C ALA A 75 -21.03 -23.84 8.50
N ARG A 76 -21.30 -25.11 8.81
CA ARG A 76 -22.43 -25.44 9.67
C ARG A 76 -22.19 -24.91 11.08
N ALA A 77 -20.96 -25.04 11.55
CA ALA A 77 -20.60 -24.61 12.89
C ALA A 77 -20.66 -23.08 13.04
N ALA A 78 -20.21 -22.35 12.01
CA ALA A 78 -20.26 -20.90 12.03
C ALA A 78 -21.70 -20.39 12.11
N ARG A 79 -22.59 -20.99 11.34
CA ARG A 79 -24.01 -20.63 11.37
C ARG A 79 -24.65 -20.98 12.73
N CYS A 80 -24.37 -22.19 13.20
CA CYS A 80 -24.95 -22.66 14.46
CA CYS A 80 -24.89 -22.71 14.47
C CYS A 80 -24.44 -21.82 15.64
N LEU A 81 -23.19 -21.39 15.59
CA LEU A 81 -22.68 -20.46 16.58
C LEU A 81 -23.53 -19.22 16.69
N LEU A 82 -23.77 -18.55 15.56
CA LEU A 82 -24.56 -17.33 15.56
C LEU A 82 -25.98 -17.58 16.03
N GLU A 83 -26.59 -18.68 15.60
CA GLU A 83 -27.93 -19.02 16.10
C GLU A 83 -27.94 -19.27 17.62
N GLN A 84 -26.90 -19.94 18.12
CA GLN A 84 -26.77 -20.21 19.56
C GLN A 84 -26.62 -18.94 20.36
N VAL A 85 -25.77 -18.04 19.91
CA VAL A 85 -25.59 -16.73 20.54
C VAL A 85 -26.93 -15.97 20.58
N GLN A 86 -27.61 -15.96 19.44
CA GLN A 86 -28.91 -15.31 19.36
C GLN A 86 -29.93 -15.96 20.31
N ALA A 87 -29.89 -17.27 20.43
CA ALA A 87 -30.84 -17.99 21.29
C ALA A 87 -30.63 -17.60 22.74
N CYS A 88 -29.35 -17.58 23.11
CA CYS A 88 -28.94 -17.35 24.49
C CYS A 88 -29.22 -15.90 24.93
N PHE A 89 -28.96 -14.92 24.06
CA PHE A 89 -29.05 -13.50 24.44
C PHE A 89 -30.26 -12.76 23.92
N SER A 90 -31.05 -13.40 23.05
CA SER A 90 -32.23 -12.80 22.44
C SER A 90 -31.92 -11.61 21.51
N ARG A 91 -30.70 -11.58 20.98
CA ARG A 91 -30.27 -10.57 20.04
C ARG A 91 -28.95 -10.96 19.38
N PRO A 92 -28.61 -10.32 18.24
CA PRO A 92 -27.33 -10.65 17.64
C PRO A 92 -26.17 -9.86 18.25
N PRO A 93 -24.94 -10.38 18.14
CA PRO A 93 -23.83 -9.58 18.64
C PRO A 93 -23.60 -8.37 17.77
N SER A 94 -23.40 -7.20 18.38
CA SER A 94 -23.11 -5.96 17.66
C SER A 94 -21.60 -5.71 17.46
N VAL A 95 -20.78 -6.48 18.18
CA VAL A 95 -19.32 -6.44 18.03
C VAL A 95 -18.90 -7.88 17.82
N VAL A 96 -18.18 -8.14 16.72
CA VAL A 96 -17.66 -9.47 16.39
C VAL A 96 -16.16 -9.34 16.07
N VAL A 97 -15.36 -10.15 16.75
CA VAL A 97 -13.89 -10.14 16.62
C VAL A 97 -13.41 -11.55 16.31
N SER A 98 -12.84 -11.70 15.12
CA SER A 98 -12.33 -12.98 14.69
C SER A 98 -10.87 -13.04 15.05
N CYS A 99 -10.55 -13.78 16.12
CA CYS A 99 -9.15 -13.99 16.54
C CYS A 99 -8.71 -15.42 16.44
N ALA A 100 -9.58 -16.31 15.97
CA ALA A 100 -9.24 -17.72 15.81
C ALA A 100 -8.28 -17.78 14.66
N GLY A 101 -7.13 -18.41 14.89
CA GLY A 101 -6.08 -18.35 13.92
C GLY A 101 -5.02 -19.33 14.31
N ILE A 102 -4.29 -19.81 13.30
CA ILE A 102 -3.19 -20.74 13.54
C ILE A 102 -2.04 -20.55 12.55
N THR A 103 -0.89 -21.15 12.88
CA THR A 103 0.21 -21.27 11.94
C THR A 103 0.56 -22.74 11.83
N GLN A 104 1.10 -23.11 10.68
CA GLN A 104 1.77 -24.40 10.49
C GLN A 104 2.91 -24.14 9.54
N ASP A 105 4.01 -23.64 10.09
CA ASP A 105 5.12 -23.09 9.29
C ASP A 105 5.89 -24.18 8.57
N GLU A 106 6.26 -23.89 7.32
CA GLU A 106 7.14 -24.74 6.55
C GLU A 106 7.66 -23.92 5.37
N PHE A 107 8.84 -24.25 4.88
CA PHE A 107 9.33 -23.68 3.63
C PHE A 107 8.48 -24.13 2.43
N LEU A 108 8.33 -23.23 1.46
CA LEU A 108 7.49 -23.48 0.29
C LEU A 108 7.89 -24.78 -0.42
N LEU A 109 9.18 -25.02 -0.59
CA LEU A 109 9.66 -26.23 -1.23
C LEU A 109 9.19 -27.53 -0.55
N HIS A 110 8.80 -27.46 0.72
CA HIS A 110 8.44 -28.66 1.50
C HIS A 110 7.03 -28.61 2.11
N MET A 111 6.27 -27.57 1.81
CA MET A 111 4.95 -27.39 2.43
C MET A 111 4.00 -28.47 1.94
N SER A 112 3.42 -29.21 2.89
CA SER A 112 2.49 -30.27 2.56
C SER A 112 1.13 -29.69 2.23
N GLU A 113 0.31 -30.49 1.58
CA GLU A 113 -1.05 -30.04 1.33
C GLU A 113 -1.80 -29.79 2.64
N ASP A 114 -1.57 -30.59 3.68
CA ASP A 114 -2.23 -30.33 4.96
C ASP A 114 -1.78 -29.01 5.59
N ASP A 115 -0.49 -28.72 5.51
CA ASP A 115 0.06 -27.42 5.96
C ASP A 115 -0.71 -26.23 5.37
N TRP A 116 -0.93 -26.28 4.06
CA TRP A 116 -1.59 -25.20 3.33
C TRP A 116 -3.08 -25.17 3.68
N ASP A 117 -3.74 -26.32 3.54
CA ASP A 117 -5.20 -26.36 3.66
C ASP A 117 -5.66 -25.98 5.05
N LYS A 118 -4.99 -26.52 6.07
CA LYS A 118 -5.41 -26.21 7.44
C LYS A 118 -5.36 -24.72 7.74
N VAL A 119 -4.27 -24.07 7.34
CA VAL A 119 -4.09 -22.66 7.66
C VAL A 119 -5.11 -21.81 6.93
N ILE A 120 -5.37 -22.16 5.66
CA ILE A 120 -6.35 -21.42 4.86
C ILE A 120 -7.76 -21.59 5.41
N ALA A 121 -8.09 -22.81 5.84
CA ALA A 121 -9.40 -23.16 6.34
C ALA A 121 -9.69 -22.43 7.65
N VAL A 122 -8.75 -22.46 8.58
CA VAL A 122 -8.99 -21.76 9.85
C VAL A 122 -8.91 -20.22 9.70
N ASN A 123 -7.81 -19.74 9.14
CA ASN A 123 -7.54 -18.30 9.15
C ASN A 123 -8.39 -17.52 8.14
N LEU A 124 -8.61 -18.10 6.96
CA LEU A 124 -9.29 -17.38 5.91
C LEU A 124 -10.78 -17.73 5.79
N LYS A 125 -11.07 -18.98 5.48
CA LYS A 125 -12.45 -19.47 5.40
C LYS A 125 -13.19 -19.19 6.71
N GLY A 126 -12.53 -19.45 7.82
CA GLY A 126 -13.12 -19.22 9.15
C GLY A 126 -13.55 -17.79 9.36
N THR A 127 -12.63 -16.87 9.09
CA THR A 127 -12.97 -15.44 9.12
C THR A 127 -14.08 -15.07 8.15
N PHE A 128 -14.03 -15.59 6.92
CA PHE A 128 -15.15 -15.44 6.00
C PHE A 128 -16.46 -15.93 6.61
N LEU A 129 -16.48 -17.17 7.12
CA LEU A 129 -17.71 -17.73 7.59
C LEU A 129 -18.30 -16.94 8.80
N VAL A 130 -17.43 -16.48 9.69
CA VAL A 130 -17.90 -15.67 10.84
C VAL A 130 -18.37 -14.27 10.44
N THR A 131 -17.63 -13.60 9.56
CA THR A 131 -18.04 -12.29 9.04
C THR A 131 -19.43 -12.40 8.42
N GLN A 132 -19.56 -13.43 7.58
CA GLN A 132 -20.81 -13.64 6.90
C GLN A 132 -21.94 -13.93 7.86
N ALA A 133 -21.74 -14.88 8.77
CA ALA A 133 -22.84 -15.23 9.67
C ALA A 133 -23.20 -14.06 10.57
N ALA A 134 -22.19 -13.27 10.97
CA ALA A 134 -22.43 -12.10 11.79
C ALA A 134 -23.23 -11.00 11.11
N ALA A 135 -22.85 -10.76 9.85
CA ALA A 135 -23.49 -9.77 9.05
C ALA A 135 -24.97 -10.12 8.73
N GLN A 136 -25.22 -11.37 8.37
CA GLN A 136 -26.57 -11.88 8.17
C GLN A 136 -27.45 -11.65 9.39
N ALA A 137 -26.95 -11.99 10.58
CA ALA A 137 -27.72 -11.81 11.83
C ALA A 137 -28.00 -10.34 12.14
N LEU A 138 -27.04 -9.46 11.86
CA LEU A 138 -27.25 -8.03 12.06
C LEU A 138 -28.24 -7.45 11.06
N VAL A 139 -28.01 -7.71 9.78
CA VAL A 139 -28.88 -7.22 8.73
C VAL A 139 -30.30 -7.75 8.89
N SER A 140 -30.47 -9.02 9.26
CA SER A 140 -31.83 -9.57 9.39
C SER A 140 -32.61 -8.96 10.55
N ASN A 141 -31.90 -8.50 11.56
CA ASN A 141 -32.52 -7.86 12.70
C ASN A 141 -32.55 -6.33 12.64
N GLY A 142 -32.00 -5.74 11.56
CA GLY A 142 -31.97 -4.30 11.41
C GLY A 142 -31.02 -3.56 12.35
N CYS A 143 -29.88 -4.19 12.68
CA CYS A 143 -28.95 -3.68 13.68
C CYS A 143 -27.59 -3.21 13.12
N ARG A 144 -27.00 -2.22 13.78
CA ARG A 144 -25.69 -1.73 13.39
C ARG A 144 -24.66 -2.58 14.09
N GLY A 145 -23.46 -2.59 13.54
CA GLY A 145 -22.42 -3.48 14.03
C GLY A 145 -21.00 -3.12 13.63
N SER A 146 -20.05 -3.75 14.32
CA SER A 146 -18.64 -3.55 14.04
C SER A 146 -17.95 -4.87 14.06
N ILE A 147 -17.38 -5.24 12.92
CA ILE A 147 -16.71 -6.53 12.72
C ILE A 147 -15.18 -6.27 12.61
N ILE A 148 -14.41 -6.98 13.40
CA ILE A 148 -12.97 -6.68 13.49
C ILE A 148 -12.24 -7.99 13.26
N ASN A 149 -11.40 -8.03 12.25
CA ASN A 149 -10.74 -9.29 11.90
C ASN A 149 -9.27 -9.14 12.16
N ILE A 150 -8.70 -10.06 12.90
CA ILE A 150 -7.29 -9.99 13.27
C ILE A 150 -6.53 -10.69 12.13
N SER A 151 -5.72 -9.91 11.42
CA SER A 151 -4.89 -10.41 10.36
C SER A 151 -3.47 -10.46 10.92
N SER A 152 -2.52 -9.84 10.25
CA SER A 152 -1.14 -9.80 10.70
C SER A 152 -0.34 -8.93 9.75
N ILE A 153 0.73 -8.33 10.24
CA ILE A 153 1.59 -7.52 9.38
C ILE A 153 2.21 -8.44 8.30
N VAL A 154 2.28 -9.74 8.58
CA VAL A 154 2.80 -10.73 7.63
C VAL A 154 1.91 -10.77 6.34
N GLY A 155 0.61 -10.47 6.48
CA GLY A 155 -0.30 -10.43 5.34
C GLY A 155 0.03 -9.28 4.40
N LYS A 156 0.77 -8.29 4.89
CA LYS A 156 1.12 -7.14 4.09
C LYS A 156 2.51 -7.31 3.48
N VAL A 157 3.41 -8.00 4.19
CA VAL A 157 4.82 -8.00 3.76
C VAL A 157 5.43 -9.39 3.59
N GLY A 158 4.73 -10.43 4.02
CA GLY A 158 5.24 -11.79 3.87
C GLY A 158 6.24 -12.19 4.95
N ASN A 159 6.52 -13.49 5.04
CA ASN A 159 7.52 -13.96 5.97
C ASN A 159 8.02 -15.35 5.61
N VAL A 160 9.34 -15.49 5.58
CA VAL A 160 9.96 -16.76 5.26
C VAL A 160 9.38 -17.86 6.17
N GLY A 161 9.05 -18.99 5.56
CA GLY A 161 8.50 -20.15 6.26
C GLY A 161 7.00 -20.07 6.47
N GLN A 162 6.39 -18.99 6.01
CA GLN A 162 4.99 -18.75 6.28
C GLN A 162 4.16 -18.41 5.03
N THR A 163 4.49 -19.01 3.89
CA THR A 163 3.72 -18.78 2.65
C THR A 163 2.21 -19.01 2.88
N ASN A 164 1.87 -20.05 3.60
CA ASN A 164 0.46 -20.32 3.91
C ASN A 164 -0.19 -19.26 4.80
N TYR A 165 0.54 -18.86 5.84
CA TYR A 165 0.02 -17.88 6.80
C TYR A 165 -0.10 -16.51 6.15
N ALA A 166 0.94 -16.13 5.43
CA ALA A 166 0.95 -14.86 4.62
C ALA A 166 -0.22 -14.78 3.61
N ALA A 167 -0.49 -15.90 2.92
CA ALA A 167 -1.62 -15.93 1.99
C ALA A 167 -2.95 -15.79 2.73
N SER A 168 -3.11 -16.50 3.83
CA SER A 168 -4.37 -16.46 4.60
C SER A 168 -4.65 -15.05 5.16
N LYS A 169 -3.59 -14.42 5.63
CA LYS A 169 -3.72 -13.14 6.25
C LYS A 169 -3.89 -12.01 5.24
N ALA A 170 -3.23 -12.11 4.09
CA ALA A 170 -3.47 -11.21 2.99
C ALA A 170 -4.96 -11.36 2.53
N GLY A 171 -5.42 -12.60 2.49
CA GLY A 171 -6.79 -12.92 2.08
C GLY A 171 -7.83 -12.31 3.00
N VAL A 172 -7.52 -12.26 4.31
CA VAL A 172 -8.40 -11.65 5.32
C VAL A 172 -8.49 -10.14 5.09
N ILE A 173 -7.38 -9.54 4.74
CA ILE A 173 -7.38 -8.11 4.46
C ILE A 173 -8.28 -7.82 3.24
N GLY A 174 -8.07 -8.57 2.16
CA GLY A 174 -8.90 -8.43 0.94
C GLY A 174 -10.40 -8.67 1.17
N LEU A 175 -10.68 -9.74 1.89
CA LEU A 175 -12.02 -10.05 2.37
C LEU A 175 -12.68 -8.92 3.14
N THR A 176 -11.95 -8.36 4.08
CA THR A 176 -12.49 -7.33 4.99
C THR A 176 -12.79 -6.01 4.24
N GLN A 177 -11.88 -5.60 3.37
CA GLN A 177 -12.11 -4.45 2.49
C GLN A 177 -13.43 -4.52 1.70
N THR A 178 -13.64 -5.67 1.09
CA THR A 178 -14.84 -5.92 0.26
C THR A 178 -16.08 -5.99 1.13
N ALA A 179 -15.99 -6.67 2.28
CA ALA A 179 -17.12 -6.77 3.18
C ALA A 179 -17.54 -5.37 3.63
N ALA A 180 -16.57 -4.51 3.95
CA ALA A 180 -16.84 -3.13 4.38
C ALA A 180 -17.61 -2.39 3.34
N ARG A 181 -17.18 -2.56 2.10
CA ARG A 181 -17.83 -1.89 1.00
C ARG A 181 -19.28 -2.30 0.82
N GLU A 182 -19.56 -3.58 1.01
CA GLU A 182 -20.92 -4.11 0.87
C GLU A 182 -21.84 -3.83 2.08
N LEU A 183 -21.25 -3.80 3.27
CA LEU A 183 -22.05 -3.72 4.47
C LEU A 183 -22.21 -2.30 5.01
N GLY A 184 -21.49 -1.33 4.45
CA GLY A 184 -21.55 0.01 4.97
C GLY A 184 -22.96 0.58 4.91
N ARG A 185 -23.65 0.32 3.80
CA ARG A 185 -25.06 0.75 3.63
C ARG A 185 -26.00 0.16 4.68
N HIS A 186 -25.58 -0.91 5.35
CA HIS A 186 -26.37 -1.55 6.41
C HIS A 186 -25.95 -1.14 7.80
N GLY A 187 -25.08 -0.16 7.94
CA GLY A 187 -24.65 0.27 9.25
C GLY A 187 -23.64 -0.66 9.93
N ILE A 188 -22.89 -1.42 9.13
CA ILE A 188 -21.95 -2.41 9.66
C ILE A 188 -20.57 -2.09 9.11
N ARG A 189 -19.68 -1.79 10.06
CA ARG A 189 -18.27 -1.53 9.81
C ARG A 189 -17.43 -2.79 9.88
N CYS A 190 -16.40 -2.84 9.04
CA CYS A 190 -15.51 -4.00 8.93
CA CYS A 190 -15.52 -4.00 8.97
C CYS A 190 -14.07 -3.55 8.80
N ASN A 191 -13.21 -3.96 9.74
CA ASN A 191 -11.85 -3.48 9.79
C ASN A 191 -10.94 -4.61 10.17
N SER A 192 -9.67 -4.47 9.81
CA SER A 192 -8.66 -5.50 10.08
C SER A 192 -7.66 -4.89 11.07
N VAL A 193 -7.10 -5.72 11.94
CA VAL A 193 -6.01 -5.28 12.83
C VAL A 193 -4.80 -6.13 12.44
N LEU A 194 -3.63 -5.48 12.33
CA LEU A 194 -2.41 -6.11 11.88
C LEU A 194 -1.32 -6.04 12.95
N PRO A 195 -1.30 -6.99 13.87
CA PRO A 195 -0.30 -6.96 14.91
C PRO A 195 1.07 -7.36 14.40
N GLY A 196 2.10 -6.88 15.09
CA GLY A 196 3.48 -7.37 14.87
C GLY A 196 3.87 -8.56 15.74
N PHE A 197 5.02 -8.48 16.41
CA PHE A 197 5.48 -9.55 17.28
C PHE A 197 4.82 -9.36 18.64
N ILE A 198 3.82 -10.19 18.94
CA ILE A 198 3.12 -10.15 20.23
C ILE A 198 3.49 -11.37 21.09
N ALA A 199 3.91 -11.16 22.33
CA ALA A 199 4.12 -12.29 23.26
C ALA A 199 2.78 -12.98 23.58
N THR A 200 2.55 -14.16 22.99
CA THR A 200 1.36 -15.00 23.26
C THR A 200 1.81 -16.45 23.20
N PRO A 201 0.88 -17.43 23.36
CA PRO A 201 1.34 -18.83 23.21
C PRO A 201 1.64 -19.25 21.76
N MET A 202 1.08 -18.52 20.77
CA MET A 202 1.37 -18.84 19.36
C MET A 202 2.87 -18.78 19.05
N LYS A 213 16.95 -10.20 19.22
CA LYS A 213 17.29 -9.63 17.91
C LYS A 213 16.10 -8.99 17.22
N ILE A 214 14.91 -9.57 17.40
CA ILE A 214 13.68 -8.97 16.87
C ILE A 214 13.47 -7.56 17.44
N THR A 215 13.76 -7.37 18.73
CA THR A 215 13.44 -6.11 19.41
C THR A 215 14.35 -4.96 19.00
N GLU A 216 15.53 -5.31 18.49
CA GLU A 216 16.38 -4.34 17.80
C GLU A 216 15.68 -3.77 16.55
N MET A 217 14.77 -4.55 15.99
CA MET A 217 13.99 -4.16 14.81
C MET A 217 12.70 -3.43 15.19
N ILE A 218 12.46 -3.22 16.48
CA ILE A 218 11.24 -2.60 16.95
C ILE A 218 11.58 -1.23 17.58
N PRO A 219 11.23 -0.13 16.90
CA PRO A 219 11.49 1.21 17.43
C PRO A 219 10.99 1.46 18.86
N MET A 220 9.82 0.92 19.22
CA MET A 220 9.31 1.06 20.58
C MET A 220 10.19 0.31 21.60
N GLY A 221 10.98 -0.67 21.12
CA GLY A 221 12.04 -1.30 21.90
C GLY A 221 11.66 -2.55 22.68
N HIS A 222 10.50 -3.13 22.39
CA HIS A 222 10.01 -4.33 23.11
C HIS A 222 8.94 -5.05 22.30
N LEU A 223 8.70 -6.31 22.64
CA LEU A 223 7.61 -7.09 22.07
C LEU A 223 6.28 -6.53 22.57
N GLY A 224 5.22 -6.68 21.77
CA GLY A 224 3.87 -6.31 22.17
C GLY A 224 3.25 -7.29 23.15
N ASP A 225 2.26 -6.81 23.89
CA ASP A 225 1.48 -7.63 24.81
C ASP A 225 0.15 -7.82 24.08
N PRO A 226 -0.57 -8.92 24.34
CA PRO A 226 -1.93 -9.13 23.81
C PRO A 226 -2.87 -7.97 24.15
N GLU A 227 -2.66 -7.34 25.29
CA GLU A 227 -3.46 -6.19 25.71
C GLU A 227 -3.25 -4.97 24.80
N ASP A 228 -2.07 -4.88 24.18
CA ASP A 228 -1.81 -3.86 23.14
C ASP A 228 -2.72 -3.99 21.91
N VAL A 229 -2.98 -5.23 21.52
CA VAL A 229 -3.92 -5.48 20.43
C VAL A 229 -5.37 -5.24 20.87
N ALA A 230 -5.73 -5.72 22.05
CA ALA A 230 -7.08 -5.52 22.61
C ALA A 230 -7.45 -4.05 22.75
N ASP A 231 -6.50 -3.17 23.10
CA ASP A 231 -6.74 -1.72 23.16
C ASP A 231 -7.22 -1.18 21.81
N VAL A 232 -6.60 -1.62 20.72
CA VAL A 232 -7.00 -1.23 19.35
C VAL A 232 -8.34 -1.81 18.94
N VAL A 233 -8.59 -3.07 19.31
CA VAL A 233 -9.86 -3.73 19.00
C VAL A 233 -10.98 -3.00 19.75
N ALA A 234 -10.72 -2.59 20.99
CA ALA A 234 -11.72 -1.83 21.74
C ALA A 234 -12.07 -0.50 21.06
N PHE A 235 -11.08 0.20 20.53
CA PHE A 235 -11.31 1.44 19.78
C PHE A 235 -12.20 1.19 18.56
N LEU A 236 -11.85 0.17 17.79
CA LEU A 236 -12.61 -0.19 16.56
C LEU A 236 -14.02 -0.73 16.85
N ALA A 237 -14.22 -1.32 18.01
CA ALA A 237 -15.56 -1.80 18.41
C ALA A 237 -16.45 -0.66 18.87
N SER A 238 -15.83 0.45 19.29
CA SER A 238 -16.54 1.55 19.90
C SER A 238 -16.99 2.62 18.87
N GLU A 239 -17.91 3.47 19.29
CA GLU A 239 -18.32 4.63 18.49
C GLU A 239 -17.24 5.66 18.20
N ASP A 240 -16.11 5.57 18.87
CA ASP A 240 -15.02 6.49 18.59
C ASP A 240 -14.38 6.25 17.22
N SER A 241 -14.71 5.09 16.62
CA SER A 241 -14.27 4.77 15.25
C SER A 241 -15.43 4.71 14.28
N GLY A 242 -16.49 5.44 14.54
CA GLY A 242 -17.70 5.25 13.79
C GLY A 242 -17.65 5.67 12.33
N TYR A 243 -16.64 6.42 11.92
CA TYR A 243 -16.41 6.69 10.48
C TYR A 243 -15.17 5.95 9.95
N ILE A 244 -14.74 4.90 10.64
CA ILE A 244 -13.63 4.06 10.17
C ILE A 244 -14.16 2.72 9.66
N THR A 245 -14.01 2.46 8.35
CA THR A 245 -14.36 1.13 7.87
C THR A 245 -13.54 0.77 6.64
N GLY A 246 -13.35 -0.53 6.46
CA GLY A 246 -12.59 -1.06 5.33
C GLY A 246 -11.10 -0.79 5.39
N THR A 247 -10.57 -0.49 6.57
CA THR A 247 -9.14 -0.24 6.69
C THR A 247 -8.44 -1.24 7.57
N SER A 248 -7.11 -1.09 7.63
CA SER A 248 -6.28 -1.95 8.48
C SER A 248 -5.42 -1.08 9.40
N VAL A 249 -5.36 -1.45 10.67
CA VAL A 249 -4.60 -0.68 11.64
C VAL A 249 -3.44 -1.54 12.11
N GLU A 250 -2.24 -1.03 11.91
CA GLU A 250 -1.07 -1.77 12.29
C GLU A 250 -0.70 -1.51 13.77
N VAL A 251 -0.43 -2.59 14.48
CA VAL A 251 -0.06 -2.54 15.89
C VAL A 251 1.21 -3.34 16.07
N THR A 252 2.34 -2.74 15.71
CA THR A 252 3.57 -3.48 15.57
C THR A 252 4.73 -2.83 16.30
N GLY A 253 4.51 -1.71 17.01
CA GLY A 253 5.62 -1.03 17.67
C GLY A 253 6.57 -0.35 16.70
N GLY A 254 6.11 -0.23 15.46
CA GLY A 254 6.88 0.32 14.36
C GLY A 254 7.84 -0.69 13.68
N LEU A 255 7.63 -1.98 13.94
CA LEU A 255 8.39 -3.07 13.32
C LEU A 255 8.54 -2.91 11.81
N LEU B 5 -6.17 11.88 29.44
CA LEU B 5 -5.15 12.93 29.13
C LEU B 5 -5.12 14.05 30.16
N ARG B 6 -5.56 13.76 31.37
CA ARG B 6 -5.64 14.74 32.45
C ARG B 6 -4.32 15.47 32.60
N SER B 7 -3.25 14.70 32.60
CA SER B 7 -1.92 15.25 32.80
C SER B 7 -1.46 16.15 31.63
N ALA B 8 -1.92 15.86 30.41
CA ALA B 8 -1.22 16.26 29.19
C ALA B 8 -1.32 17.74 28.76
N LEU B 9 -0.26 18.20 28.10
CA LEU B 9 -0.24 19.48 27.38
C LEU B 9 -0.19 19.14 25.92
N ALA B 10 -1.22 19.56 25.17
CA ALA B 10 -1.34 19.34 23.74
C ALA B 10 -1.15 20.63 22.93
N LEU B 11 -0.24 20.61 21.98
CA LEU B 11 -0.10 21.70 21.01
C LEU B 11 -0.79 21.31 19.71
N VAL B 12 -1.79 22.08 19.28
CA VAL B 12 -2.53 21.84 18.04
C VAL B 12 -2.30 23.05 17.10
N THR B 13 -1.71 22.80 15.93
CA THR B 13 -1.62 23.80 14.87
C THR B 13 -2.85 23.68 13.99
N GLY B 14 -3.18 24.76 13.30
CA GLY B 14 -4.46 24.84 12.60
C GLY B 14 -5.65 24.80 13.51
N ALA B 15 -5.45 25.23 14.76
CA ALA B 15 -6.43 25.06 15.83
C ALA B 15 -7.57 26.06 15.73
N GLY B 16 -7.41 27.07 14.89
CA GLY B 16 -8.42 28.08 14.69
C GLY B 16 -9.62 27.66 13.86
N SER B 17 -9.58 26.50 13.23
CA SER B 17 -10.71 26.11 12.40
C SER B 17 -10.83 24.62 12.27
N GLY B 18 -12.04 24.18 11.95
CA GLY B 18 -12.26 22.89 11.33
C GLY B 18 -11.74 21.74 12.15
N ILE B 19 -10.91 20.88 11.55
CA ILE B 19 -10.40 19.68 12.26
C ILE B 19 -9.55 20.10 13.46
N GLY B 20 -8.69 21.13 13.29
CA GLY B 20 -7.86 21.59 14.41
C GLY B 20 -8.68 22.08 15.60
N ARG B 21 -9.79 22.78 15.34
CA ARG B 21 -10.67 23.21 16.40
C ARG B 21 -11.35 22.02 17.08
N ALA B 22 -11.84 21.08 16.26
CA ALA B 22 -12.45 19.83 16.79
C ALA B 22 -11.51 19.02 17.67
N VAL B 23 -10.26 18.92 17.24
CA VAL B 23 -9.24 18.19 18.01
C VAL B 23 -9.03 18.89 19.35
N SER B 24 -8.92 20.22 19.33
CA SER B 24 -8.76 21.02 20.57
C SER B 24 -9.89 20.79 21.55
N VAL B 25 -11.12 20.79 21.04
CA VAL B 25 -12.27 20.53 21.87
C VAL B 25 -12.22 19.14 22.46
N ARG B 26 -11.84 18.17 21.64
CA ARG B 26 -11.85 16.75 22.04
C ARG B 26 -10.77 16.53 23.10
N LEU B 27 -9.56 17.00 22.83
CA LEU B 27 -8.47 16.84 23.79
C LEU B 27 -8.79 17.51 25.13
N ALA B 28 -9.31 18.73 25.07
CA ALA B 28 -9.79 19.42 26.30
C ALA B 28 -10.81 18.60 27.09
N GLY B 29 -11.78 18.04 26.37
CA GLY B 29 -12.80 17.18 26.99
C GLY B 29 -12.22 15.95 27.69
N GLU B 30 -11.04 15.52 27.27
CA GLU B 30 -10.35 14.39 27.92
C GLU B 30 -9.39 14.83 29.05
N GLY B 31 -9.34 16.13 29.33
CA GLY B 31 -8.57 16.68 30.43
C GLY B 31 -7.23 17.29 30.06
N ALA B 32 -6.91 17.38 28.77
CA ALA B 32 -5.67 18.02 28.36
C ALA B 32 -5.78 19.52 28.48
N THR B 33 -4.65 20.16 28.65
CA THR B 33 -4.53 21.60 28.47
C THR B 33 -4.06 21.79 27.04
N VAL B 34 -4.64 22.75 26.33
CA VAL B 34 -4.40 22.94 24.90
C VAL B 34 -3.69 24.25 24.61
N ALA B 35 -2.53 24.14 23.97
CA ALA B 35 -1.91 25.24 23.26
C ALA B 35 -2.43 25.28 21.82
N ALA B 36 -3.29 26.25 21.55
CA ALA B 36 -3.99 26.36 20.27
C ALA B 36 -3.26 27.34 19.41
N CYS B 37 -2.67 26.84 18.34
CA CYS B 37 -1.84 27.65 17.46
C CYS B 37 -2.49 27.81 16.09
N ASP B 38 -2.45 29.03 15.54
CA ASP B 38 -2.98 29.28 14.20
C ASP B 38 -2.27 30.48 13.56
N LEU B 39 -2.28 30.54 12.23
CA LEU B 39 -1.78 31.69 11.50
C LEU B 39 -2.62 32.91 11.85
N ASP B 40 -3.93 32.68 12.05
CA ASP B 40 -4.89 33.72 12.50
C ASP B 40 -4.99 33.77 14.01
N ARG B 41 -4.45 34.82 14.62
CA ARG B 41 -4.44 34.94 16.09
C ARG B 41 -5.86 34.95 16.69
N ALA B 42 -6.75 35.71 16.05
CA ALA B 42 -8.15 35.84 16.45
C ALA B 42 -8.89 34.49 16.49
N ALA B 43 -8.63 33.66 15.49
CA ALA B 43 -9.25 32.34 15.36
C ALA B 43 -8.77 31.33 16.42
N ALA B 44 -7.46 31.36 16.70
CA ALA B 44 -6.88 30.60 17.78
C ALA B 44 -7.51 31.05 19.12
N GLN B 45 -7.68 32.35 19.28
CA GLN B 45 -8.24 32.90 20.52
C GLN B 45 -9.69 32.49 20.74
N GLU B 46 -10.49 32.48 19.66
CA GLU B 46 -11.88 32.06 19.78
C GLU B 46 -11.97 30.56 20.09
N THR B 47 -11.08 29.76 19.51
CA THR B 47 -11.01 28.34 19.89
C THR B 47 -10.78 28.25 21.39
N VAL B 48 -9.87 29.07 21.91
CA VAL B 48 -9.58 29.01 23.35
C VAL B 48 -10.83 29.37 24.17
N ARG B 49 -11.55 30.39 23.73
CA ARG B 49 -12.82 30.77 24.39
C ARG B 49 -13.83 29.63 24.34
N LEU B 50 -13.83 28.86 23.24
CA LEU B 50 -14.77 27.79 23.04
C LEU B 50 -14.46 26.60 23.92
N LEU B 51 -13.20 26.50 24.37
CA LEU B 51 -12.83 25.44 25.30
C LEU B 51 -13.34 25.75 26.67
N GLY B 63 -5.48 23.40 33.38
CA GLY B 63 -6.41 23.54 32.24
C GLY B 63 -6.51 24.97 31.76
N ASN B 64 -5.36 25.66 31.77
CA ASN B 64 -5.27 27.06 31.37
C ASN B 64 -4.93 27.16 29.87
N HIS B 65 -5.95 27.01 29.02
CA HIS B 65 -5.72 26.94 27.58
C HIS B 65 -5.27 28.32 27.09
N ALA B 66 -4.41 28.30 26.08
CA ALA B 66 -3.75 29.52 25.58
C ALA B 66 -3.66 29.49 24.07
N ALA B 67 -3.72 30.67 23.46
CA ALA B 67 -3.67 30.84 22.01
C ALA B 67 -2.29 31.36 21.61
N PHE B 68 -1.73 30.79 20.53
CA PHE B 68 -0.42 31.17 19.98
C PHE B 68 -0.59 31.45 18.49
N GLN B 69 0.09 32.46 17.99
CA GLN B 69 0.14 32.74 16.55
C GLN B 69 1.49 32.26 16.01
N ALA B 70 1.45 31.55 14.89
CA ALA B 70 2.68 31.16 14.20
C ALA B 70 2.36 30.79 12.76
N ASP B 71 3.26 31.13 11.83
CA ASP B 71 3.22 30.58 10.48
C ASP B 71 4.20 29.41 10.48
N VAL B 72 3.65 28.21 10.46
CA VAL B 72 4.43 26.97 10.70
C VAL B 72 5.37 26.65 9.55
N SER B 73 5.15 27.28 8.41
CA SER B 73 6.00 27.09 7.25
C SER B 73 7.37 27.81 7.37
N GLU B 74 7.50 28.73 8.34
CA GLU B 74 8.76 29.46 8.59
C GLU B 74 9.54 28.74 9.73
N ALA B 75 10.82 28.41 9.51
CA ALA B 75 11.63 27.69 10.52
C ALA B 75 11.74 28.45 11.84
N ARG B 76 11.96 29.76 11.74
CA ARG B 76 12.11 30.60 12.95
C ARG B 76 10.78 30.67 13.75
N ALA B 77 9.64 30.69 13.05
CA ALA B 77 8.33 30.74 13.72
C ALA B 77 8.00 29.40 14.39
N ALA B 78 8.46 28.30 13.81
CA ALA B 78 8.23 26.95 14.39
C ALA B 78 9.06 26.69 15.67
N ARG B 79 10.29 27.23 15.71
CA ARG B 79 11.12 27.10 16.90
C ARG B 79 10.63 28.05 17.99
N CYS B 80 10.31 29.28 17.61
CA CYS B 80 9.72 30.25 18.54
C CYS B 80 8.41 29.74 19.15
N LEU B 81 7.56 29.14 18.33
CA LEU B 81 6.32 28.56 18.84
C LEU B 81 6.58 27.63 20.04
N LEU B 82 7.50 26.69 19.87
CA LEU B 82 7.74 25.69 20.90
C LEU B 82 8.36 26.35 22.12
N GLU B 83 9.19 27.35 21.89
CA GLU B 83 9.78 28.08 22.99
C GLU B 83 8.71 28.87 23.76
N GLN B 84 7.76 29.45 23.04
CA GLN B 84 6.64 30.20 23.68
C GLN B 84 5.76 29.27 24.53
N VAL B 85 5.50 28.09 23.98
CA VAL B 85 4.69 27.08 24.67
C VAL B 85 5.37 26.64 25.97
N GLN B 86 6.64 26.25 25.88
CA GLN B 86 7.44 25.86 27.03
C GLN B 86 7.61 26.97 28.06
N ALA B 87 7.79 28.21 27.59
CA ALA B 87 7.84 29.38 28.48
C ALA B 87 6.52 29.61 29.23
N CYS B 88 5.42 29.36 28.53
CA CYS B 88 4.08 29.58 29.08
C CYS B 88 3.71 28.49 30.09
N PHE B 89 4.08 27.24 29.80
CA PHE B 89 3.64 26.08 30.58
C PHE B 89 4.72 25.37 31.42
N SER B 90 5.98 25.81 31.29
CA SER B 90 7.14 25.23 31.98
C SER B 90 7.41 23.77 31.59
N ARG B 91 6.78 23.31 30.51
CA ARG B 91 6.87 21.94 30.05
C ARG B 91 6.68 21.94 28.55
N PRO B 92 7.36 21.01 27.84
CA PRO B 92 7.06 20.80 26.41
C PRO B 92 5.74 20.06 26.23
N PRO B 93 5.03 20.28 25.11
CA PRO B 93 3.78 19.54 24.84
C PRO B 93 4.07 18.09 24.56
N SER B 94 3.34 17.20 25.19
CA SER B 94 3.55 15.76 25.05
C SER B 94 2.67 15.16 23.97
N VAL B 95 1.64 15.92 23.56
CA VAL B 95 0.80 15.59 22.41
C VAL B 95 0.89 16.74 21.44
N VAL B 96 1.24 16.45 20.20
CA VAL B 96 1.40 17.46 19.16
C VAL B 96 0.64 17.02 17.96
N VAL B 97 -0.31 17.84 17.52
CA VAL B 97 -1.18 17.54 16.38
C VAL B 97 -1.01 18.61 15.32
N SER B 98 -0.49 18.23 14.18
CA SER B 98 -0.25 19.14 13.08
C SER B 98 -1.45 19.10 12.15
N CYS B 99 -2.36 20.06 12.30
CA CYS B 99 -3.54 20.19 11.45
C CYS B 99 -3.46 21.39 10.50
N ALA B 100 -2.39 22.17 10.56
CA ALA B 100 -2.26 23.34 9.68
C ALA B 100 -2.03 22.85 8.26
N GLY B 101 -2.82 23.37 7.33
CA GLY B 101 -2.89 22.78 5.99
C GLY B 101 -3.74 23.62 5.04
N ILE B 102 -3.39 23.55 3.76
CA ILE B 102 -4.07 24.32 2.76
C ILE B 102 -4.19 23.54 1.46
N THR B 103 -5.09 24.01 0.59
CA THR B 103 -5.11 23.61 -0.78
C THR B 103 -4.99 24.84 -1.65
N GLN B 104 -4.29 24.71 -2.77
CA GLN B 104 -4.36 25.68 -3.86
C GLN B 104 -4.44 24.87 -5.15
N ASP B 105 -5.65 24.42 -5.46
CA ASP B 105 -5.92 23.48 -6.55
C ASP B 105 -5.73 24.07 -7.94
N GLU B 106 -5.11 23.28 -8.82
CA GLU B 106 -5.03 23.62 -10.24
C GLU B 106 -4.56 22.40 -11.01
N PHE B 107 -4.96 22.28 -12.27
CA PHE B 107 -4.40 21.25 -13.14
C PHE B 107 -2.89 21.41 -13.31
N LEU B 108 -2.19 20.27 -13.35
CA LEU B 108 -0.74 20.26 -13.52
C LEU B 108 -0.28 21.16 -14.66
N LEU B 109 -1.02 21.15 -15.77
CA LEU B 109 -0.63 21.91 -16.94
C LEU B 109 -0.69 23.42 -16.75
N HIS B 110 -1.42 23.89 -15.73
CA HIS B 110 -1.60 25.32 -15.51
C HIS B 110 -1.10 25.79 -14.16
N MET B 111 -0.47 24.91 -13.39
CA MET B 111 -0.17 25.20 -12.00
C MET B 111 1.04 26.13 -11.84
N SER B 112 0.86 27.23 -11.11
CA SER B 112 1.91 28.23 -10.99
C SER B 112 2.97 27.74 -10.03
N GLU B 113 4.13 28.35 -10.10
CA GLU B 113 5.19 28.01 -9.14
C GLU B 113 4.72 28.38 -7.74
N ASP B 114 4.01 29.49 -7.60
CA ASP B 114 3.48 29.90 -6.30
C ASP B 114 2.49 28.89 -5.72
N ASP B 115 1.62 28.31 -6.56
CA ASP B 115 0.59 27.38 -6.10
C ASP B 115 1.24 26.13 -5.56
N TRP B 116 2.27 25.66 -6.27
CA TRP B 116 3.04 24.50 -5.81
C TRP B 116 3.78 24.81 -4.51
N ASP B 117 4.56 25.89 -4.54
CA ASP B 117 5.43 26.28 -3.43
C ASP B 117 4.72 26.50 -2.11
N LYS B 118 3.59 27.21 -2.14
CA LYS B 118 2.80 27.53 -0.92
C LYS B 118 2.30 26.25 -0.25
N VAL B 119 1.73 25.35 -1.04
CA VAL B 119 1.21 24.08 -0.53
C VAL B 119 2.29 23.20 0.05
N ILE B 120 3.42 23.13 -0.62
CA ILE B 120 4.52 22.34 -0.10
C ILE B 120 5.02 22.98 1.21
N ALA B 121 5.17 24.30 1.23
CA ALA B 121 5.72 25.00 2.41
C ALA B 121 4.85 24.79 3.66
N VAL B 122 3.53 24.90 3.52
CA VAL B 122 2.62 24.81 4.66
C VAL B 122 2.44 23.35 5.09
N ASN B 123 2.05 22.50 4.15
CA ASN B 123 1.62 21.14 4.47
C ASN B 123 2.76 20.21 4.80
N LEU B 124 3.86 20.35 4.07
CA LEU B 124 4.98 19.40 4.17
C LEU B 124 6.14 19.98 4.98
N LYS B 125 6.62 21.14 4.59
CA LYS B 125 7.71 21.80 5.36
C LYS B 125 7.21 22.17 6.76
N GLY B 126 6.00 22.73 6.86
CA GLY B 126 5.43 23.03 8.16
C GLY B 126 5.30 21.85 9.09
N THR B 127 4.78 20.74 8.60
CA THR B 127 4.70 19.52 9.38
C THR B 127 6.09 18.98 9.78
N PHE B 128 7.07 19.08 8.90
CA PHE B 128 8.47 18.73 9.24
C PHE B 128 8.98 19.61 10.40
N LEU B 129 8.80 20.92 10.29
CA LEU B 129 9.38 21.84 11.26
C LEU B 129 8.78 21.70 12.66
N VAL B 130 7.47 21.47 12.70
CA VAL B 130 6.75 21.32 13.96
C VAL B 130 7.05 19.94 14.59
N THR B 131 7.08 18.91 13.76
CA THR B 131 7.50 17.56 14.19
C THR B 131 8.91 17.63 14.81
N GLN B 132 9.82 18.29 14.09
CA GLN B 132 11.19 18.46 14.56
C GLN B 132 11.24 19.27 15.86
N ALA B 133 10.54 20.39 15.90
CA ALA B 133 10.67 21.28 17.07
C ALA B 133 10.10 20.57 18.28
N ALA B 134 8.99 19.87 18.09
CA ALA B 134 8.34 19.14 19.20
C ALA B 134 9.20 18.02 19.74
N ALA B 135 9.84 17.29 18.82
CA ALA B 135 10.72 16.17 19.15
C ALA B 135 11.97 16.63 19.92
N GLN B 136 12.56 17.74 19.46
CA GLN B 136 13.71 18.30 20.13
C GLN B 136 13.37 18.70 21.56
N ALA B 137 12.21 19.31 21.74
CA ALA B 137 11.80 19.79 23.04
C ALA B 137 11.59 18.61 23.98
N LEU B 138 10.97 17.55 23.47
CA LEU B 138 10.67 16.36 24.26
C LEU B 138 11.95 15.63 24.65
N VAL B 139 12.86 15.45 23.68
CA VAL B 139 14.11 14.76 23.91
C VAL B 139 15.04 15.51 24.84
N SER B 140 15.16 16.82 24.65
CA SER B 140 16.06 17.60 25.52
C SER B 140 15.57 17.61 26.98
N ASN B 141 14.28 17.33 27.19
CA ASN B 141 13.68 17.28 28.52
C ASN B 141 13.43 15.87 29.06
N GLY B 142 13.76 14.85 28.28
CA GLY B 142 13.65 13.47 28.76
C GLY B 142 12.21 13.00 28.88
N CYS B 143 11.33 13.52 28.01
CA CYS B 143 9.89 13.25 28.09
C CYS B 143 9.36 12.41 26.93
N ARG B 144 8.36 11.58 27.25
CA ARG B 144 7.65 10.81 26.24
C ARG B 144 6.57 11.66 25.56
N GLY B 145 6.22 11.31 24.32
CA GLY B 145 5.10 11.96 23.68
C GLY B 145 4.56 11.25 22.47
N SER B 146 3.59 11.90 21.84
CA SER B 146 2.87 11.38 20.67
C SER B 146 2.67 12.52 19.71
N ILE B 147 3.25 12.40 18.52
CA ILE B 147 3.10 13.37 17.43
C ILE B 147 2.17 12.76 16.38
N ILE B 148 1.13 13.52 16.04
CA ILE B 148 0.06 13.10 15.14
C ILE B 148 -0.05 14.13 14.02
N ASN B 149 0.23 13.68 12.81
CA ASN B 149 0.21 14.53 11.62
C ASN B 149 -1.00 14.17 10.78
N ILE B 150 -1.78 15.18 10.41
CA ILE B 150 -2.95 14.93 9.61
C ILE B 150 -2.50 15.07 8.19
N SER B 151 -2.47 13.94 7.51
CA SER B 151 -2.19 13.89 6.09
C SER B 151 -3.54 13.89 5.33
N SER B 152 -3.74 13.00 4.38
CA SER B 152 -5.02 12.90 3.68
C SER B 152 -5.03 11.61 2.92
N ILE B 153 -6.22 11.07 2.69
CA ILE B 153 -6.32 9.89 1.85
C ILE B 153 -5.77 10.22 0.42
N VAL B 154 -5.88 11.47 -0.04
CA VAL B 154 -5.32 11.84 -1.35
C VAL B 154 -3.78 11.63 -1.44
N GLY B 155 -3.09 11.62 -0.31
CA GLY B 155 -1.65 11.29 -0.26
C GLY B 155 -1.34 9.83 -0.62
N LYS B 156 -2.33 8.95 -0.54
CA LYS B 156 -2.15 7.54 -0.90
C LYS B 156 -2.52 7.27 -2.35
N VAL B 157 -3.56 7.97 -2.82
CA VAL B 157 -4.19 7.65 -4.10
C VAL B 157 -4.17 8.80 -5.12
N GLY B 158 -3.84 10.02 -4.68
CA GLY B 158 -3.84 11.19 -5.58
C GLY B 158 -5.25 11.69 -5.85
N ASN B 159 -5.35 12.85 -6.52
CA ASN B 159 -6.63 13.42 -6.89
C ASN B 159 -6.47 14.53 -7.95
N VAL B 160 -7.25 14.46 -9.00
CA VAL B 160 -7.20 15.43 -10.12
C VAL B 160 -7.32 16.86 -9.60
N GLY B 161 -6.45 17.74 -10.09
CA GLY B 161 -6.41 19.12 -9.67
C GLY B 161 -5.62 19.39 -8.40
N GLN B 162 -4.98 18.37 -7.83
CA GLN B 162 -4.29 18.52 -6.56
C GLN B 162 -2.91 17.83 -6.56
N THR B 163 -2.16 18.05 -7.62
CA THR B 163 -0.77 17.58 -7.74
C THR B 163 0.10 18.03 -6.54
N ASN B 164 -0.04 19.29 -6.18
CA ASN B 164 0.70 19.87 -5.07
C ASN B 164 0.24 19.29 -3.72
N TYR B 165 -1.06 19.25 -3.51
CA TYR B 165 -1.62 18.72 -2.27
C TYR B 165 -1.22 17.24 -2.09
N ALA B 166 -1.36 16.47 -3.16
CA ALA B 166 -1.05 15.03 -3.14
C ALA B 166 0.42 14.79 -2.82
N ALA B 167 1.30 15.53 -3.48
CA ALA B 167 2.75 15.47 -3.19
C ALA B 167 3.00 15.76 -1.70
N SER B 168 2.37 16.81 -1.19
CA SER B 168 2.62 17.26 0.20
C SER B 168 2.13 16.24 1.22
N LYS B 169 1.01 15.59 0.94
CA LYS B 169 0.42 14.67 1.91
C LYS B 169 1.12 13.32 1.87
N ALA B 170 1.53 12.89 0.68
CA ALA B 170 2.41 11.73 0.53
C ALA B 170 3.75 11.98 1.24
N GLY B 171 4.34 13.15 1.03
CA GLY B 171 5.53 13.58 1.76
C GLY B 171 5.35 13.51 3.27
N VAL B 172 4.18 13.89 3.77
CA VAL B 172 3.91 13.87 5.22
C VAL B 172 3.89 12.43 5.73
N ILE B 173 3.33 11.52 4.96
CA ILE B 173 3.38 10.12 5.32
C ILE B 173 4.82 9.57 5.40
N GLY B 174 5.65 9.89 4.40
CA GLY B 174 7.03 9.44 4.37
C GLY B 174 7.84 10.02 5.52
N LEU B 175 7.67 11.32 5.75
CA LEU B 175 8.24 12.05 6.90
C LEU B 175 7.92 11.35 8.22
N THR B 176 6.67 10.97 8.37
CA THR B 176 6.16 10.48 9.65
C THR B 176 6.68 9.08 9.95
N GLN B 177 6.73 8.23 8.93
CA GLN B 177 7.28 6.87 9.06
C GLN B 177 8.74 6.91 9.54
N THR B 178 9.53 7.76 8.91
CA THR B 178 10.98 7.91 9.22
C THR B 178 11.13 8.48 10.62
N ALA B 179 10.36 9.52 10.94
CA ALA B 179 10.43 10.14 12.25
C ALA B 179 10.15 9.09 13.32
N ALA B 180 9.13 8.27 13.11
CA ALA B 180 8.73 7.21 14.05
C ALA B 180 9.89 6.24 14.30
N ARG B 181 10.58 5.85 13.25
CA ARG B 181 11.70 4.94 13.37
C ARG B 181 12.90 5.54 14.13
N GLU B 182 13.20 6.81 13.91
CA GLU B 182 14.25 7.53 14.66
C GLU B 182 13.91 7.87 16.12
N LEU B 183 12.64 8.15 16.39
CA LEU B 183 12.20 8.66 17.69
C LEU B 183 11.66 7.62 18.68
N GLY B 184 11.36 6.42 18.23
CA GLY B 184 10.86 5.34 19.09
C GLY B 184 11.75 5.11 20.28
N ARG B 185 13.05 5.06 20.02
CA ARG B 185 14.08 4.92 21.04
C ARG B 185 14.08 6.01 22.12
N HIS B 186 13.46 7.16 21.85
CA HIS B 186 13.32 8.26 22.83
C HIS B 186 11.93 8.30 23.50
N GLY B 187 11.11 7.28 23.25
CA GLY B 187 9.78 7.18 23.84
C GLY B 187 8.74 8.03 23.14
N ILE B 188 8.98 8.36 21.88
CA ILE B 188 8.11 9.29 21.14
C ILE B 188 7.49 8.55 19.96
N ARG B 189 6.16 8.51 19.92
CA ARG B 189 5.42 7.95 18.78
C ARG B 189 5.08 9.02 17.75
N CYS B 190 5.07 8.62 16.48
CA CYS B 190 4.66 9.48 15.36
C CYS B 190 3.75 8.69 14.41
N ASN B 191 2.56 9.20 14.18
CA ASN B 191 1.55 8.54 13.34
C ASN B 191 0.85 9.58 12.51
N SER B 192 0.26 9.10 11.40
CA SER B 192 -0.49 9.90 10.44
C SER B 192 -1.96 9.55 10.47
N VAL B 193 -2.79 10.55 10.31
CA VAL B 193 -4.22 10.37 10.15
C VAL B 193 -4.57 10.80 8.70
N LEU B 194 -5.29 9.92 7.98
CA LEU B 194 -5.71 10.11 6.58
C LEU B 194 -7.24 10.24 6.50
N PRO B 195 -7.77 11.43 6.74
CA PRO B 195 -9.21 11.68 6.58
C PRO B 195 -9.69 11.60 5.12
N GLY B 196 -10.97 11.24 4.93
CA GLY B 196 -11.57 11.22 3.61
C GLY B 196 -12.21 12.57 3.36
N PHE B 197 -13.52 12.57 3.14
CA PHE B 197 -14.27 13.80 2.84
C PHE B 197 -14.97 14.21 4.13
N ILE B 198 -14.47 15.28 4.72
CA ILE B 198 -14.92 15.77 6.01
C ILE B 198 -15.58 17.12 5.73
N ALA B 199 -16.77 17.33 6.28
CA ALA B 199 -17.40 18.67 6.25
C ALA B 199 -16.63 19.72 7.09
N THR B 200 -15.92 20.64 6.43
CA THR B 200 -15.19 21.72 7.11
C THR B 200 -15.18 22.95 6.21
N PRO B 201 -14.62 24.07 6.69
CA PRO B 201 -14.44 25.21 5.78
C PRO B 201 -13.49 24.98 4.60
N MET B 202 -12.60 23.99 4.68
CA MET B 202 -11.77 23.61 3.52
C MET B 202 -12.62 23.09 2.35
N THR B 203 -13.60 22.25 2.67
CA THR B 203 -14.44 21.58 1.68
C THR B 203 -15.78 22.28 1.46
N GLN B 204 -15.99 23.40 2.15
CA GLN B 204 -17.21 24.21 2.03
C GLN B 204 -17.47 24.64 0.59
N LYS B 205 -16.40 24.91 -0.18
CA LYS B 205 -16.53 25.43 -1.54
C LYS B 205 -16.70 24.33 -2.59
N VAL B 206 -16.69 23.06 -2.18
CA VAL B 206 -17.02 21.96 -3.08
C VAL B 206 -18.52 21.98 -3.36
N PRO B 207 -18.92 22.04 -4.65
CA PRO B 207 -20.36 22.18 -4.98
C PRO B 207 -21.24 21.01 -4.54
N GLN B 208 -22.55 21.22 -4.52
CA GLN B 208 -23.48 20.19 -4.03
C GLN B 208 -23.41 18.91 -4.83
N LYS B 209 -23.49 19.03 -6.15
CA LYS B 209 -23.57 17.88 -7.06
C LYS B 209 -22.36 16.97 -6.97
N VAL B 210 -21.18 17.57 -6.81
CA VAL B 210 -19.96 16.79 -6.59
C VAL B 210 -20.03 16.04 -5.25
N VAL B 211 -20.70 16.65 -4.26
CA VAL B 211 -20.84 16.09 -2.91
C VAL B 211 -21.83 14.90 -2.83
N ASP B 212 -23.00 15.04 -3.44
CA ASP B 212 -23.96 13.92 -3.52
C ASP B 212 -23.42 12.74 -4.35
N LYS B 213 -22.63 13.04 -5.37
CA LYS B 213 -21.92 12.02 -6.14
C LYS B 213 -20.84 11.35 -5.30
N ILE B 214 -20.11 12.15 -4.54
CA ILE B 214 -19.06 11.67 -3.66
C ILE B 214 -19.66 10.77 -2.58
N THR B 215 -20.77 11.21 -2.01
CA THR B 215 -21.52 10.45 -1.01
C THR B 215 -21.89 9.03 -1.51
N GLU B 216 -22.16 8.90 -2.80
CA GLU B 216 -22.41 7.60 -3.42
C GLU B 216 -21.16 6.71 -3.41
N MET B 217 -19.98 7.33 -3.35
CA MET B 217 -18.68 6.63 -3.24
C MET B 217 -18.29 6.21 -1.82
N ILE B 218 -19.14 6.53 -0.84
CA ILE B 218 -18.82 6.30 0.58
C ILE B 218 -19.75 5.20 1.12
N PRO B 219 -19.19 4.01 1.41
CA PRO B 219 -20.01 2.95 1.99
C PRO B 219 -20.87 3.36 3.19
N MET B 220 -20.35 4.16 4.11
CA MET B 220 -21.14 4.61 5.27
C MET B 220 -22.29 5.51 4.79
N GLY B 221 -22.18 6.09 3.61
CA GLY B 221 -23.27 6.87 3.01
C GLY B 221 -23.44 8.33 3.44
N HIS B 222 -22.43 8.92 4.08
CA HIS B 222 -22.48 10.34 4.44
C HIS B 222 -21.07 10.88 4.54
N LEU B 223 -20.95 12.21 4.56
CA LEU B 223 -19.69 12.86 4.81
C LEU B 223 -19.31 12.77 6.27
N GLY B 224 -18.01 12.82 6.53
CA GLY B 224 -17.48 12.82 7.90
C GLY B 224 -17.54 14.16 8.61
N ASP B 225 -17.34 14.13 9.92
CA ASP B 225 -17.43 15.30 10.79
C ASP B 225 -16.02 15.52 11.30
N PRO B 226 -15.66 16.77 11.54
CA PRO B 226 -14.39 17.01 12.22
C PRO B 226 -14.25 16.23 13.52
N GLU B 227 -15.33 15.95 14.23
CA GLU B 227 -15.18 15.15 15.44
C GLU B 227 -14.78 13.69 15.17
N ASP B 228 -15.11 13.17 13.99
CA ASP B 228 -14.69 11.80 13.64
C ASP B 228 -13.16 11.71 13.62
N VAL B 229 -12.55 12.71 13.02
CA VAL B 229 -11.13 12.83 13.00
C VAL B 229 -10.57 13.08 14.39
N ALA B 230 -11.23 13.93 15.17
CA ALA B 230 -10.75 14.23 16.54
C ALA B 230 -10.74 12.98 17.41
N ASP B 231 -11.76 12.13 17.25
CA ASP B 231 -11.83 10.85 17.99
C ASP B 231 -10.61 9.97 17.72
N VAL B 232 -10.16 9.92 16.47
CA VAL B 232 -8.98 9.11 16.13
C VAL B 232 -7.72 9.73 16.74
N VAL B 233 -7.63 11.06 16.66
CA VAL B 233 -6.52 11.77 17.26
C VAL B 233 -6.43 11.54 18.76
N ALA B 234 -7.57 11.51 19.47
CA ALA B 234 -7.55 11.24 20.92
C ALA B 234 -7.08 9.82 21.22
N PHE B 235 -7.44 8.87 20.36
CA PHE B 235 -6.94 7.51 20.49
C PHE B 235 -5.41 7.45 20.35
N LEU B 236 -4.91 8.07 19.29
CA LEU B 236 -3.46 8.14 19.00
C LEU B 236 -2.68 8.94 20.04
N ALA B 237 -3.34 9.87 20.72
CA ALA B 237 -2.72 10.64 21.79
C ALA B 237 -2.64 9.89 23.11
N SER B 238 -3.54 8.93 23.30
CA SER B 238 -3.68 8.19 24.55
C SER B 238 -2.78 6.97 24.62
N GLU B 239 -2.71 6.35 25.78
CA GLU B 239 -1.88 5.16 25.97
C GLU B 239 -2.53 3.89 25.41
N ASP B 240 -3.82 3.95 25.09
CA ASP B 240 -4.43 2.84 24.31
C ASP B 240 -3.74 2.56 22.99
N SER B 241 -2.98 3.53 22.46
CA SER B 241 -2.28 3.34 21.23
C SER B 241 -0.77 3.20 21.42
N GLY B 242 -0.38 2.79 22.63
CA GLY B 242 1.01 2.76 23.05
C GLY B 242 1.94 1.91 22.20
N TYR B 243 1.39 0.97 21.40
CA TYR B 243 2.23 0.12 20.53
C TYR B 243 1.98 0.39 19.06
N ILE B 244 1.41 1.57 18.76
CA ILE B 244 1.20 2.04 17.40
C ILE B 244 2.12 3.24 17.14
N THR B 245 3.06 3.06 16.21
CA THR B 245 3.88 4.14 15.74
C THR B 245 4.30 3.87 14.29
N GLY B 246 4.47 4.96 13.54
CA GLY B 246 4.93 4.86 12.15
C GLY B 246 3.87 4.38 11.18
N THR B 247 2.60 4.54 11.53
CA THR B 247 1.56 4.04 10.64
C THR B 247 0.55 5.12 10.35
N SER B 248 -0.41 4.79 9.51
CA SER B 248 -1.43 5.68 9.04
C SER B 248 -2.77 5.15 9.44
N VAL B 249 -3.66 6.00 9.98
CA VAL B 249 -5.02 5.52 10.22
C VAL B 249 -5.96 6.27 9.30
N GLU B 250 -6.74 5.51 8.52
CA GLU B 250 -7.69 6.08 7.55
C GLU B 250 -9.04 6.30 8.22
N VAL B 251 -9.62 7.50 8.03
CA VAL B 251 -10.93 7.88 8.57
C VAL B 251 -11.74 8.45 7.41
N THR B 252 -12.33 7.55 6.63
CA THR B 252 -12.86 7.90 5.30
C THR B 252 -14.26 7.39 5.06
N GLY B 253 -14.82 6.63 6.02
CA GLY B 253 -16.15 6.04 5.85
C GLY B 253 -16.19 4.94 4.80
N GLY B 254 -15.01 4.43 4.46
CA GLY B 254 -14.85 3.45 3.41
C GLY B 254 -14.66 4.05 2.04
N LEU B 255 -14.44 5.37 1.94
CA LEU B 255 -14.33 6.04 0.65
C LEU B 255 -13.37 5.31 -0.29
N PHE B 256 -13.84 5.05 -1.52
CA PHE B 256 -13.18 4.12 -2.47
C PHE B 256 -12.62 4.78 -3.73
N ALA C 8 12.26 8.06 -31.61
CA ALA C 8 11.92 8.55 -30.23
C ALA C 8 12.95 9.59 -29.80
N LEU C 9 12.48 10.71 -29.24
CA LEU C 9 13.33 11.71 -28.58
C LEU C 9 13.14 11.59 -27.07
N ALA C 10 14.26 11.37 -26.35
CA ALA C 10 14.25 11.17 -24.91
C ALA C 10 15.06 12.23 -24.18
N LEU C 11 14.47 12.83 -23.16
CA LEU C 11 15.18 13.76 -22.29
C LEU C 11 15.43 13.03 -20.97
N VAL C 12 16.69 13.02 -20.53
CA VAL C 12 17.08 12.42 -19.27
C VAL C 12 17.73 13.48 -18.40
N THR C 13 17.17 13.75 -17.22
CA THR C 13 17.84 14.65 -16.27
C THR C 13 18.71 13.81 -15.34
N GLY C 14 19.74 14.43 -14.75
CA GLY C 14 20.69 13.66 -13.95
C GLY C 14 21.49 12.70 -14.82
N ALA C 15 21.64 13.05 -16.10
CA ALA C 15 22.25 12.16 -17.10
C ALA C 15 23.78 12.02 -17.02
N GLY C 16 24.43 12.87 -16.21
CA GLY C 16 25.87 12.86 -16.14
C GLY C 16 26.48 11.75 -15.30
N SER C 17 25.65 10.95 -14.63
CA SER C 17 26.18 9.98 -13.68
C SER C 17 25.21 8.85 -13.39
N GLY C 18 25.76 7.77 -12.86
CA GLY C 18 25.00 6.67 -12.32
C GLY C 18 23.78 6.29 -13.14
N ILE C 19 22.61 6.37 -12.52
CA ILE C 19 21.38 5.83 -13.14
C ILE C 19 21.05 6.61 -14.40
N GLY C 20 21.03 7.93 -14.29
CA GLY C 20 20.78 8.77 -15.47
C GLY C 20 21.70 8.47 -16.64
N ARG C 21 22.99 8.21 -16.38
CA ARG C 21 23.92 7.83 -17.46
C ARG C 21 23.53 6.48 -18.09
N ALA C 22 23.24 5.50 -17.24
CA ALA C 22 22.86 4.17 -17.72
C ALA C 22 21.57 4.22 -18.56
N VAL C 23 20.62 5.02 -18.13
CA VAL C 23 19.37 5.17 -18.87
C VAL C 23 19.62 5.79 -20.25
N SER C 24 20.48 6.79 -20.31
CA SER C 24 20.84 7.40 -21.59
C SER C 24 21.48 6.38 -22.51
N VAL C 25 22.41 5.60 -21.98
CA VAL C 25 23.03 4.53 -22.77
C VAL C 25 22.00 3.51 -23.27
N ARG C 26 21.12 3.07 -22.39
CA ARG C 26 20.12 2.05 -22.73
C ARG C 26 19.19 2.54 -23.81
N LEU C 27 18.62 3.73 -23.60
CA LEU C 27 17.65 4.28 -24.55
C LEU C 27 18.26 4.58 -25.91
N ALA C 28 19.52 5.02 -25.92
CA ALA C 28 20.22 5.31 -27.18
C ALA C 28 20.55 4.01 -27.92
N GLY C 29 20.77 2.94 -27.16
CA GLY C 29 20.96 1.61 -27.73
C GLY C 29 19.69 1.09 -28.35
N GLU C 30 18.54 1.48 -27.80
CA GLU C 30 17.24 1.09 -28.38
C GLU C 30 16.79 1.96 -29.58
N GLY C 31 17.62 2.91 -29.98
CA GLY C 31 17.36 3.72 -31.17
C GLY C 31 16.99 5.16 -30.86
N ALA C 32 16.75 5.49 -29.58
CA ALA C 32 16.32 6.84 -29.20
C ALA C 32 17.42 7.88 -29.48
N THR C 33 16.99 9.11 -29.79
CA THR C 33 17.87 10.26 -29.71
C THR C 33 17.76 10.83 -28.29
N VAL C 34 18.90 11.05 -27.66
CA VAL C 34 18.91 11.47 -26.26
C VAL C 34 19.38 12.90 -26.05
N ALA C 35 18.55 13.66 -25.34
CA ALA C 35 18.92 14.91 -24.75
C ALA C 35 19.36 14.60 -23.32
N ALA C 36 20.67 14.63 -23.08
CA ALA C 36 21.27 14.37 -21.76
C ALA C 36 21.46 15.69 -21.01
N CYS C 37 20.76 15.81 -19.89
CA CYS C 37 20.75 17.04 -19.10
C CYS C 37 21.34 16.78 -17.73
N ASP C 38 22.20 17.69 -17.25
CA ASP C 38 22.74 17.58 -15.90
C ASP C 38 23.17 18.93 -15.36
N LEU C 39 23.14 19.09 -14.04
CA LEU C 39 23.70 20.26 -13.36
C LEU C 39 25.15 20.46 -13.79
N ASP C 40 25.87 19.34 -13.91
CA ASP C 40 27.28 19.34 -14.31
C ASP C 40 27.38 19.23 -15.82
N ARG C 41 27.73 20.34 -16.49
CA ARG C 41 27.71 20.37 -17.93
C ARG C 41 28.73 19.38 -18.51
N ALA C 42 29.91 19.29 -17.89
CA ALA C 42 30.97 18.37 -18.34
C ALA C 42 30.58 16.90 -18.17
N ALA C 43 29.79 16.62 -17.14
CA ALA C 43 29.20 15.27 -16.91
C ALA C 43 28.26 14.87 -18.03
N ALA C 44 27.36 15.78 -18.41
CA ALA C 44 26.44 15.56 -19.53
C ALA C 44 27.19 15.34 -20.83
N GLN C 45 28.12 16.24 -21.16
CA GLN C 45 28.84 16.14 -22.42
C GLN C 45 29.54 14.78 -22.52
N GLU C 46 30.03 14.28 -21.37
CA GLU C 46 30.74 13.01 -21.33
C GLU C 46 29.77 11.85 -21.52
N THR C 47 28.59 11.95 -20.93
CA THR C 47 27.54 11.00 -21.21
C THR C 47 27.25 10.95 -22.72
N VAL C 48 27.08 12.11 -23.34
CA VAL C 48 26.79 12.21 -24.77
C VAL C 48 27.90 11.56 -25.62
N ARG C 49 29.15 11.85 -25.25
CA ARG C 49 30.29 11.29 -25.95
C ARG C 49 30.39 9.77 -25.79
N LEU C 50 29.83 9.23 -24.71
CA LEU C 50 29.79 7.77 -24.49
C LEU C 50 28.70 7.04 -25.29
N LEU C 51 27.76 7.78 -25.88
CA LEU C 51 26.60 7.15 -26.52
C LEU C 51 26.91 6.66 -27.93
N ASN C 64 20.82 13.33 -33.71
CA ASN C 64 22.07 13.48 -32.96
C ASN C 64 21.87 13.81 -31.46
N HIS C 65 22.42 12.94 -30.60
CA HIS C 65 22.41 13.16 -29.14
C HIS C 65 23.00 14.53 -28.82
N ALA C 66 22.50 15.18 -27.76
CA ALA C 66 23.03 16.47 -27.32
C ALA C 66 22.95 16.62 -25.80
N ALA C 67 23.87 17.43 -25.27
CA ALA C 67 24.01 17.64 -23.83
C ALA C 67 23.38 18.98 -23.43
N PHE C 68 22.70 19.00 -22.29
CA PHE C 68 22.12 20.25 -21.79
C PHE C 68 22.48 20.46 -20.33
N GLN C 69 22.65 21.72 -19.94
CA GLN C 69 22.90 22.07 -18.54
C GLN C 69 21.67 22.77 -17.97
N ALA C 70 21.26 22.35 -16.77
CA ALA C 70 20.15 22.95 -16.07
C ALA C 70 20.17 22.55 -14.60
N ASP C 71 19.72 23.45 -13.74
CA ASP C 71 19.38 23.11 -12.36
C ASP C 71 17.88 22.90 -12.35
N VAL C 72 17.43 21.64 -12.30
CA VAL C 72 16.00 21.35 -12.38
C VAL C 72 15.18 21.95 -11.25
N SER C 73 15.81 22.32 -10.14
CA SER C 73 15.11 22.85 -8.98
C SER C 73 14.53 24.25 -9.22
N GLU C 74 15.03 24.92 -10.27
CA GLU C 74 14.72 26.31 -10.61
C GLU C 74 13.69 26.36 -11.74
N ALA C 75 12.56 27.04 -11.51
CA ALA C 75 11.44 27.00 -12.46
C ALA C 75 11.85 27.46 -13.84
N ARG C 76 12.59 28.56 -13.89
CA ARG C 76 13.03 29.12 -15.16
C ARG C 76 13.97 28.16 -15.91
N ALA C 77 14.88 27.53 -15.18
CA ALA C 77 15.82 26.56 -15.77
C ALA C 77 15.07 25.40 -16.42
N ALA C 78 14.07 24.87 -15.70
CA ALA C 78 13.26 23.75 -16.19
C ALA C 78 12.52 24.10 -17.47
N ARG C 79 11.88 25.27 -17.51
CA ARG C 79 11.18 25.74 -18.72
C ARG C 79 12.16 25.97 -19.86
N CYS C 80 13.32 26.53 -19.55
CA CYS C 80 14.31 26.83 -20.58
C CYS C 80 14.91 25.54 -21.13
N LEU C 81 15.10 24.54 -20.27
CA LEU C 81 15.56 23.24 -20.72
C LEU C 81 14.66 22.70 -21.83
N LEU C 82 13.35 22.67 -21.58
CA LEU C 82 12.40 22.16 -22.55
C LEU C 82 12.29 23.05 -23.78
N GLU C 83 12.61 24.34 -23.62
CA GLU C 83 12.69 25.25 -24.77
C GLU C 83 13.87 24.91 -25.66
N GLN C 84 15.04 24.73 -25.05
CA GLN C 84 16.29 24.43 -25.76
C GLN C 84 16.28 23.06 -26.46
N VAL C 85 15.69 22.07 -25.81
CA VAL C 85 15.50 20.78 -26.43
C VAL C 85 14.64 20.84 -27.70
N GLN C 86 13.50 21.51 -27.60
CA GLN C 86 12.60 21.70 -28.74
C GLN C 86 13.23 22.55 -29.88
N ALA C 87 14.10 23.50 -29.53
CA ALA C 87 14.75 24.32 -30.57
C ALA C 87 15.87 23.54 -31.24
N CYS C 88 16.45 22.60 -30.52
CA CYS C 88 17.51 21.76 -31.05
C CYS C 88 16.97 20.62 -31.94
N PHE C 89 15.91 19.95 -31.49
CA PHE C 89 15.36 18.78 -32.21
C PHE C 89 14.13 19.05 -33.07
N SER C 90 13.55 20.25 -32.95
CA SER C 90 12.35 20.65 -33.69
C SER C 90 11.10 19.88 -33.27
N ARG C 91 11.15 19.28 -32.09
CA ARG C 91 10.00 18.54 -31.53
C ARG C 91 10.19 18.34 -30.03
N PRO C 92 9.10 18.00 -29.32
CA PRO C 92 9.27 17.72 -27.91
C PRO C 92 9.77 16.29 -27.63
N PRO C 93 10.40 16.08 -26.46
CA PRO C 93 10.78 14.73 -26.06
C PRO C 93 9.53 13.94 -25.74
N SER C 94 9.46 12.72 -26.24
CA SER C 94 8.29 11.87 -25.99
C SER C 94 8.57 10.85 -24.88
N VAL C 95 9.79 10.86 -24.37
CA VAL C 95 10.18 10.05 -23.24
C VAL C 95 10.98 11.00 -22.36
N VAL C 96 10.56 11.11 -21.10
CA VAL C 96 11.19 12.02 -20.17
C VAL C 96 11.45 11.27 -18.88
N VAL C 97 12.71 11.24 -18.45
CA VAL C 97 13.15 10.45 -17.29
C VAL C 97 13.85 11.38 -16.31
N SER C 98 13.22 11.60 -15.15
CA SER C 98 13.76 12.48 -14.12
C SER C 98 14.55 11.61 -13.20
N CYS C 99 15.88 11.65 -13.37
CA CYS C 99 16.85 10.94 -12.56
C CYS C 99 17.68 11.86 -11.69
N ALA C 100 17.52 13.18 -11.82
CA ALA C 100 18.23 14.16 -11.01
C ALA C 100 17.77 14.12 -9.56
N GLY C 101 18.73 14.00 -8.64
CA GLY C 101 18.42 13.85 -7.24
C GLY C 101 19.64 13.75 -6.35
N ILE C 102 19.45 14.17 -5.10
CA ILE C 102 20.52 14.21 -4.11
C ILE C 102 20.09 13.62 -2.77
N THR C 103 21.08 13.29 -1.94
CA THR C 103 20.84 13.05 -0.53
C THR C 103 21.65 14.06 0.26
N GLN C 104 21.10 14.41 1.42
CA GLN C 104 21.83 15.15 2.42
C GLN C 104 21.36 14.62 3.79
N ASP C 105 21.97 13.51 4.21
CA ASP C 105 21.43 12.75 5.33
C ASP C 105 21.75 13.40 6.66
N GLU C 106 20.78 13.32 7.56
CA GLU C 106 20.94 13.73 8.96
C GLU C 106 19.75 13.24 9.78
N PHE C 107 19.99 12.99 11.06
CA PHE C 107 18.88 12.65 11.98
C PHE C 107 17.91 13.81 12.13
N LEU C 108 16.62 13.48 12.12
CA LEU C 108 15.55 14.45 12.34
C LEU C 108 15.92 15.48 13.42
N LEU C 109 16.44 15.01 14.54
CA LEU C 109 16.75 15.92 15.63
C LEU C 109 17.78 17.02 15.28
N HIS C 110 18.61 16.78 14.26
CA HIS C 110 19.73 17.66 13.95
C HIS C 110 19.68 18.23 12.54
N MET C 111 18.60 17.99 11.82
CA MET C 111 18.55 18.32 10.41
C MET C 111 18.40 19.81 10.20
N SER C 112 19.36 20.42 9.52
CA SER C 112 19.30 21.83 9.20
C SER C 112 18.17 22.12 8.23
N GLU C 113 17.65 23.35 8.27
CA GLU C 113 16.64 23.79 7.28
C GLU C 113 17.20 23.66 5.87
N ASP C 114 18.50 23.92 5.73
CA ASP C 114 19.17 23.82 4.44
C ASP C 114 19.17 22.38 3.94
N ASP C 115 19.54 21.45 4.82
CA ASP C 115 19.52 20.02 4.47
C ASP C 115 18.14 19.62 3.99
N TRP C 116 17.08 20.09 4.67
CA TRP C 116 15.71 19.76 4.24
C TRP C 116 15.34 20.40 2.89
N ASP C 117 15.55 21.70 2.77
CA ASP C 117 15.11 22.47 1.57
C ASP C 117 15.76 22.00 0.26
N LYS C 118 17.09 21.79 0.28
CA LYS C 118 17.84 21.34 -0.91
C LYS C 118 17.29 20.04 -1.49
N VAL C 119 17.09 19.04 -0.63
CA VAL C 119 16.58 17.73 -1.02
C VAL C 119 15.16 17.84 -1.52
N ILE C 120 14.34 18.62 -0.86
CA ILE C 120 13.00 18.88 -1.38
C ILE C 120 13.07 19.60 -2.73
N ALA C 121 13.91 20.63 -2.82
CA ALA C 121 14.01 21.43 -4.04
C ALA C 121 14.44 20.54 -5.24
N VAL C 122 15.49 19.75 -5.07
CA VAL C 122 16.00 18.94 -6.18
C VAL C 122 15.08 17.76 -6.53
N ASN C 123 14.78 16.94 -5.53
CA ASN C 123 14.12 15.67 -5.75
C ASN C 123 12.64 15.80 -6.09
N LEU C 124 11.95 16.67 -5.35
CA LEU C 124 10.50 16.83 -5.48
C LEU C 124 10.10 17.99 -6.40
N LYS C 125 10.46 19.22 -6.06
CA LYS C 125 10.11 20.36 -6.93
C LYS C 125 10.69 20.16 -8.33
N GLY C 126 11.95 19.69 -8.42
CA GLY C 126 12.59 19.49 -9.72
C GLY C 126 11.86 18.51 -10.62
N THR C 127 11.39 17.42 -10.01
CA THR C 127 10.62 16.41 -10.72
C THR C 127 9.25 16.95 -11.17
N PHE C 128 8.62 17.74 -10.31
CA PHE C 128 7.40 18.50 -10.65
C PHE C 128 7.64 19.43 -11.83
N LEU C 129 8.68 20.25 -11.74
CA LEU C 129 8.92 21.26 -12.77
C LEU C 129 9.14 20.62 -14.12
N VAL C 130 9.89 19.53 -14.15
CA VAL C 130 10.23 18.84 -15.40
C VAL C 130 9.03 18.07 -15.95
N THR C 131 8.33 17.36 -15.08
CA THR C 131 7.05 16.69 -15.43
C THR C 131 6.04 17.67 -16.08
N GLN C 132 5.92 18.86 -15.49
CA GLN C 132 5.01 19.89 -15.98
C GLN C 132 5.49 20.44 -17.32
N ALA C 133 6.79 20.75 -17.40
CA ALA C 133 7.31 21.39 -18.60
C ALA C 133 7.23 20.41 -19.77
N ALA C 134 7.56 19.14 -19.50
CA ALA C 134 7.47 18.10 -20.53
C ALA C 134 6.04 17.88 -21.01
N ALA C 135 5.11 17.77 -20.06
CA ALA C 135 3.69 17.58 -20.36
C ALA C 135 3.11 18.73 -21.17
N GLN C 136 3.44 19.96 -20.77
CA GLN C 136 2.99 21.15 -21.49
C GLN C 136 3.39 21.08 -22.96
N ALA C 137 4.65 20.69 -23.23
CA ALA C 137 5.20 20.61 -24.59
C ALA C 137 4.53 19.52 -25.41
N LEU C 138 4.40 18.35 -24.80
CA LEU C 138 3.67 17.24 -25.42
C LEU C 138 2.22 17.61 -25.76
N VAL C 139 1.47 18.15 -24.79
CA VAL C 139 0.05 18.45 -25.05
C VAL C 139 -0.14 19.55 -26.09
N SER C 140 0.67 20.60 -26.04
CA SER C 140 0.51 21.69 -27.02
C SER C 140 0.85 21.23 -28.42
N ASN C 141 1.71 20.22 -28.53
CA ASN C 141 2.15 19.69 -29.82
C ASN C 141 1.29 18.52 -30.30
N GLY C 142 0.32 18.09 -29.49
CA GLY C 142 -0.54 16.97 -29.86
C GLY C 142 0.21 15.65 -29.95
N CYS C 143 1.18 15.47 -29.04
CA CYS C 143 2.06 14.31 -29.02
C CYS C 143 1.81 13.44 -27.77
N ARG C 144 1.91 12.14 -27.94
CA ARG C 144 1.86 11.26 -26.79
C ARG C 144 3.25 11.07 -26.22
N GLY C 145 3.29 10.59 -24.98
CA GLY C 145 4.52 10.50 -24.25
C GLY C 145 4.47 9.56 -23.08
N SER C 146 5.65 9.32 -22.51
CA SER C 146 5.81 8.52 -21.31
C SER C 146 6.81 9.25 -20.45
N ILE C 147 6.37 9.63 -19.25
CA ILE C 147 7.18 10.33 -18.26
C ILE C 147 7.46 9.34 -17.13
N ILE C 148 8.75 9.20 -16.80
CA ILE C 148 9.21 8.19 -15.86
C ILE C 148 10.05 8.88 -14.80
N ASN C 149 9.58 8.82 -13.56
CA ASN C 149 10.20 9.53 -12.46
C ASN C 149 10.83 8.53 -11.55
N ILE C 150 12.11 8.73 -11.22
CA ILE C 150 12.83 7.80 -10.35
C ILE C 150 12.59 8.24 -8.93
N SER C 151 11.89 7.41 -8.17
CA SER C 151 11.65 7.68 -6.77
C SER C 151 12.66 6.81 -6.00
N SER C 152 12.19 5.97 -5.08
CA SER C 152 13.05 5.12 -4.27
C SER C 152 12.16 4.29 -3.40
N ILE C 153 12.58 3.08 -3.12
CA ILE C 153 11.84 2.22 -2.21
C ILE C 153 11.68 2.87 -0.82
N VAL C 154 12.59 3.78 -0.48
CA VAL C 154 12.57 4.54 0.76
C VAL C 154 11.36 5.47 0.86
N GLY C 155 10.90 5.96 -0.30
CA GLY C 155 9.64 6.68 -0.43
C GLY C 155 8.37 5.92 -0.04
N LYS C 156 8.51 4.61 0.13
CA LYS C 156 7.39 3.74 0.52
C LYS C 156 7.49 3.33 1.97
N VAL C 157 8.72 3.11 2.43
CA VAL C 157 8.93 2.54 3.76
C VAL C 157 9.75 3.43 4.68
N GLY C 158 10.31 4.53 4.16
CA GLY C 158 11.16 5.45 4.97
C GLY C 158 12.51 4.84 5.29
N ASN C 159 13.38 5.61 5.96
CA ASN C 159 14.75 5.15 6.29
C ASN C 159 15.42 6.12 7.27
N VAL C 160 15.94 5.57 8.37
CA VAL C 160 16.61 6.34 9.40
C VAL C 160 17.74 7.22 8.84
N GLY C 161 17.74 8.49 9.23
CA GLY C 161 18.68 9.49 8.73
C GLY C 161 18.27 10.18 7.44
N GLN C 162 17.10 9.86 6.91
CA GLN C 162 16.68 10.32 5.59
C GLN C 162 15.29 10.89 5.56
N THR C 163 14.89 11.59 6.63
CA THR C 163 13.57 12.16 6.71
C THR C 163 13.32 13.03 5.48
N ASN C 164 14.32 13.78 5.06
CA ASN C 164 14.15 14.67 3.89
C ASN C 164 13.99 13.90 2.58
N TYR C 165 14.83 12.89 2.40
CA TYR C 165 14.83 12.08 1.20
C TYR C 165 13.54 11.30 1.11
N ALA C 166 13.16 10.65 2.21
CA ALA C 166 11.94 9.84 2.23
C ALA C 166 10.71 10.69 1.90
N ALA C 167 10.60 11.87 2.51
CA ALA C 167 9.50 12.81 2.19
C ALA C 167 9.55 13.20 0.70
N SER C 168 10.72 13.60 0.20
CA SER C 168 10.83 13.98 -1.21
C SER C 168 10.43 12.83 -2.14
N LYS C 169 10.81 11.59 -1.80
CA LYS C 169 10.55 10.45 -2.65
C LYS C 169 9.10 9.96 -2.57
N ALA C 170 8.47 10.03 -1.39
CA ALA C 170 7.05 9.74 -1.23
C ALA C 170 6.26 10.78 -2.03
N GLY C 171 6.67 12.02 -1.89
CA GLY C 171 6.12 13.10 -2.71
C GLY C 171 6.08 12.82 -4.22
N VAL C 172 7.22 12.38 -4.78
CA VAL C 172 7.29 12.03 -6.19
C VAL C 172 6.21 11.00 -6.60
N ILE C 173 5.97 10.02 -5.75
CA ILE C 173 4.98 8.98 -5.98
C ILE C 173 3.57 9.57 -5.99
N GLY C 174 3.23 10.41 -5.02
CA GLY C 174 1.96 11.14 -5.04
C GLY C 174 1.79 12.05 -6.25
N LEU C 175 2.80 12.82 -6.56
CA LEU C 175 2.78 13.69 -7.74
C LEU C 175 2.53 12.87 -9.03
N THR C 176 3.25 11.74 -9.15
CA THR C 176 3.20 10.95 -10.35
C THR C 176 1.85 10.29 -10.52
N GLN C 177 1.27 9.77 -9.42
CA GLN C 177 -0.09 9.22 -9.48
C GLN C 177 -1.11 10.23 -9.96
N THR C 178 -1.05 11.44 -9.40
CA THR C 178 -1.96 12.48 -9.80
C THR C 178 -1.72 12.90 -11.25
N ALA C 179 -0.45 13.12 -11.61
CA ALA C 179 -0.08 13.49 -12.99
C ALA C 179 -0.64 12.49 -14.01
N ALA C 180 -0.53 11.19 -13.72
CA ALA C 180 -1.09 10.15 -14.61
C ALA C 180 -2.59 10.32 -14.77
N ARG C 181 -3.28 10.61 -13.67
CA ARG C 181 -4.72 10.74 -13.70
C ARG C 181 -5.16 11.89 -14.59
N GLU C 182 -4.38 12.97 -14.57
CA GLU C 182 -4.71 14.19 -15.32
C GLU C 182 -4.33 14.07 -16.79
N LEU C 183 -3.29 13.29 -17.08
CA LEU C 183 -2.65 13.31 -18.40
C LEU C 183 -2.99 12.10 -19.28
N GLY C 184 -3.60 11.06 -18.72
CA GLY C 184 -3.97 9.90 -19.53
C GLY C 184 -4.81 10.31 -20.72
N ARG C 185 -5.78 11.18 -20.46
CA ARG C 185 -6.69 11.65 -21.48
C ARG C 185 -5.96 12.34 -22.64
N HIS C 186 -4.71 12.78 -22.43
CA HIS C 186 -3.94 13.44 -23.49
C HIS C 186 -2.93 12.46 -24.09
N GLY C 187 -3.05 11.17 -23.77
CA GLY C 187 -2.15 10.18 -24.33
C GLY C 187 -0.76 10.18 -23.69
N ILE C 188 -0.67 10.61 -22.43
CA ILE C 188 0.61 10.69 -21.74
C ILE C 188 0.53 9.82 -20.46
N ARG C 189 1.46 8.88 -20.35
CA ARG C 189 1.58 7.99 -19.21
C ARG C 189 2.66 8.50 -18.28
N CYS C 190 2.48 8.20 -16.98
CA CYS C 190 3.33 8.73 -15.91
C CYS C 190 3.47 7.64 -14.88
N ASN C 191 4.72 7.22 -14.62
CA ASN C 191 5.00 6.11 -13.70
C ASN C 191 6.26 6.44 -12.93
N SER C 192 6.41 5.80 -11.77
CA SER C 192 7.55 5.96 -10.89
C SER C 192 8.33 4.64 -10.87
N VAL C 193 9.65 4.74 -10.83
CA VAL C 193 10.51 3.57 -10.62
C VAL C 193 11.07 3.69 -9.23
N LEU C 194 10.99 2.61 -8.45
CA LEU C 194 11.48 2.57 -7.07
C LEU C 194 12.67 1.63 -6.93
N PRO C 195 13.88 2.13 -7.16
CA PRO C 195 15.03 1.24 -6.96
C PRO C 195 15.34 0.98 -5.49
N GLY C 196 16.02 -0.12 -5.24
CA GLY C 196 16.45 -0.49 -3.89
C GLY C 196 17.87 0.05 -3.81
N PHE C 197 18.82 -0.79 -3.43
CA PHE C 197 20.22 -0.35 -3.33
C PHE C 197 20.97 -0.67 -4.62
N ILE C 198 21.39 0.39 -5.32
CA ILE C 198 22.04 0.32 -6.61
C ILE C 198 23.43 0.94 -6.42
N ALA C 199 24.46 0.29 -6.94
CA ALA C 199 25.82 0.77 -6.80
C ALA C 199 26.11 1.91 -7.79
N THR C 200 26.19 3.13 -7.27
CA THR C 200 26.45 4.33 -8.08
C THR C 200 27.29 5.27 -7.21
N PRO C 201 27.76 6.41 -7.77
CA PRO C 201 28.43 7.41 -6.92
C PRO C 201 27.64 7.94 -5.73
N MET C 202 26.31 8.01 -5.82
CA MET C 202 25.48 8.43 -4.67
C MET C 202 25.65 7.48 -3.47
N THR C 203 25.86 6.19 -3.73
CA THR C 203 26.00 5.19 -2.66
C THR C 203 27.47 4.81 -2.32
N GLN C 204 28.45 5.55 -2.86
CA GLN C 204 29.84 5.24 -2.53
C GLN C 204 30.15 5.52 -1.06
N LYS C 205 29.45 6.48 -0.47
CA LYS C 205 29.66 6.87 0.91
C LYS C 205 29.19 5.81 1.92
N VAL C 206 28.36 4.88 1.48
CA VAL C 206 27.74 3.93 2.40
C VAL C 206 28.84 2.99 2.84
N PRO C 207 29.03 2.85 4.15
CA PRO C 207 30.07 1.94 4.66
C PRO C 207 29.92 0.51 4.10
N GLN C 208 31.05 -0.15 3.84
CA GLN C 208 31.02 -1.55 3.41
C GLN C 208 30.33 -2.43 4.44
N LYS C 209 30.55 -2.11 5.70
CA LYS C 209 29.94 -2.83 6.82
C LYS C 209 28.40 -2.73 6.83
N VAL C 210 27.86 -1.63 6.32
CA VAL C 210 26.40 -1.46 6.17
C VAL C 210 25.88 -2.24 4.93
N VAL C 211 26.65 -2.19 3.84
CA VAL C 211 26.33 -2.91 2.61
C VAL C 211 26.32 -4.45 2.80
N ASP C 212 27.21 -4.96 3.63
CA ASP C 212 27.20 -6.39 3.93
C ASP C 212 25.85 -6.77 4.58
N LYS C 213 25.41 -5.94 5.53
CA LYS C 213 24.10 -6.14 6.18
C LYS C 213 22.95 -6.10 5.19
N ILE C 214 22.86 -5.03 4.42
CA ILE C 214 21.85 -4.88 3.43
C ILE C 214 21.77 -6.08 2.48
N THR C 215 22.93 -6.53 1.99
CA THR C 215 22.99 -7.62 1.03
C THR C 215 22.34 -8.89 1.58
N GLU C 216 22.50 -9.16 2.86
CA GLU C 216 21.86 -10.31 3.52
C GLU C 216 20.35 -10.24 3.46
N MET C 217 19.82 -9.04 3.26
CA MET C 217 18.40 -8.82 3.19
C MET C 217 17.89 -8.63 1.76
N ILE C 218 18.74 -8.90 0.77
CA ILE C 218 18.31 -8.89 -0.63
C ILE C 218 18.22 -10.35 -1.06
N PRO C 219 16.99 -10.86 -1.29
CA PRO C 219 16.87 -12.27 -1.70
C PRO C 219 17.71 -12.62 -2.93
N MET C 220 17.87 -11.71 -3.89
CA MET C 220 18.74 -12.01 -5.07
C MET C 220 20.23 -12.07 -4.72
N GLY C 221 20.63 -11.54 -3.56
CA GLY C 221 21.99 -11.77 -3.02
C GLY C 221 23.09 -10.79 -3.40
N HIS C 222 22.74 -9.74 -4.16
CA HIS C 222 23.73 -8.73 -4.60
C HIS C 222 23.07 -7.36 -4.78
N LEU C 223 23.91 -6.34 -4.85
CA LEU C 223 23.46 -4.98 -5.08
C LEU C 223 23.03 -4.83 -6.53
N GLY C 224 22.13 -3.89 -6.79
CA GLY C 224 21.75 -3.56 -8.15
C GLY C 224 22.83 -2.80 -8.91
N ASP C 225 22.75 -2.90 -10.24
CA ASP C 225 23.61 -2.10 -11.11
C ASP C 225 22.70 -1.05 -11.72
N PRO C 226 23.25 0.11 -12.08
CA PRO C 226 22.41 1.11 -12.74
C PRO C 226 21.68 0.59 -14.00
N GLU C 227 22.34 -0.32 -14.72
CA GLU C 227 21.74 -1.04 -15.86
C GLU C 227 20.43 -1.77 -15.51
N ASP C 228 20.31 -2.24 -14.26
CA ASP C 228 19.09 -2.92 -13.82
C ASP C 228 17.92 -1.94 -13.81
N VAL C 229 18.18 -0.70 -13.40
CA VAL C 229 17.12 0.33 -13.37
C VAL C 229 16.83 0.80 -14.79
N ALA C 230 17.88 0.92 -15.59
CA ALA C 230 17.76 1.33 -16.99
C ALA C 230 16.88 0.37 -17.82
N ASP C 231 16.98 -0.93 -17.53
CA ASP C 231 16.14 -1.94 -18.19
C ASP C 231 14.63 -1.70 -17.95
N VAL C 232 14.27 -1.35 -16.72
CA VAL C 232 12.86 -1.06 -16.36
C VAL C 232 12.37 0.26 -16.96
N VAL C 233 13.22 1.26 -16.94
CA VAL C 233 12.90 2.54 -17.61
C VAL C 233 12.63 2.31 -19.11
N ALA C 234 13.44 1.49 -19.77
CA ALA C 234 13.22 1.23 -21.21
C ALA C 234 11.86 0.56 -21.47
N PHE C 235 11.48 -0.35 -20.59
CA PHE C 235 10.17 -0.98 -20.68
C PHE C 235 9.03 0.05 -20.54
N LEU C 236 9.18 0.92 -19.55
CA LEU C 236 8.17 1.96 -19.31
C LEU C 236 8.18 3.05 -20.39
N ALA C 237 9.31 3.22 -21.08
CA ALA C 237 9.40 4.15 -22.21
C ALA C 237 8.69 3.59 -23.43
N SER C 238 8.67 2.27 -23.54
CA SER C 238 8.18 1.58 -24.73
C SER C 238 6.71 1.29 -24.63
N GLU C 239 6.14 0.87 -25.76
CA GLU C 239 4.72 0.65 -25.87
C GLU C 239 4.30 -0.74 -25.33
N ASP C 240 5.29 -1.55 -24.92
CA ASP C 240 5.02 -2.80 -24.19
C ASP C 240 4.32 -2.49 -22.89
N SER C 241 4.52 -1.28 -22.39
CA SER C 241 3.90 -0.84 -21.14
C SER C 241 2.76 0.15 -21.39
N GLY C 242 2.17 0.07 -22.59
CA GLY C 242 1.15 1.02 -23.03
C GLY C 242 -0.13 1.10 -22.23
N TYR C 243 -0.41 0.11 -21.37
CA TYR C 243 -1.58 0.18 -20.47
C TYR C 243 -1.17 0.29 -19.00
N ILE C 244 0.08 0.70 -18.78
CA ILE C 244 0.59 0.96 -17.45
C ILE C 244 0.77 2.44 -17.26
N THR C 245 -0.10 3.02 -16.42
CA THR C 245 0.08 4.40 -16.00
C THR C 245 -0.35 4.59 -14.56
N GLY C 246 0.31 5.52 -13.86
CA GLY C 246 -0.06 5.88 -12.50
C GLY C 246 0.44 4.87 -11.48
N THR C 247 1.45 4.10 -11.83
CA THR C 247 1.93 3.08 -10.91
C THR C 247 3.41 3.20 -10.60
N SER C 248 3.85 2.38 -9.66
CA SER C 248 5.21 2.32 -9.18
C SER C 248 5.75 0.91 -9.45
N VAL C 249 6.96 0.83 -10.01
CA VAL C 249 7.62 -0.48 -10.25
C VAL C 249 8.88 -0.54 -9.37
N GLU C 250 8.96 -1.57 -8.54
CA GLU C 250 10.06 -1.75 -7.61
C GLU C 250 11.14 -2.63 -8.24
N VAL C 251 12.38 -2.13 -8.17
CA VAL C 251 13.55 -2.76 -8.76
C VAL C 251 14.55 -2.85 -7.64
N THR C 252 14.38 -3.84 -6.77
CA THR C 252 15.09 -3.86 -5.49
C THR C 252 15.77 -5.23 -5.19
N GLY C 253 15.64 -6.21 -6.09
CA GLY C 253 16.17 -7.56 -5.78
C GLY C 253 15.40 -8.26 -4.67
N GLY C 254 14.21 -7.71 -4.35
CA GLY C 254 13.39 -8.19 -3.25
C GLY C 254 13.74 -7.67 -1.86
N LEU C 255 14.58 -6.65 -1.77
CA LEU C 255 14.98 -6.01 -0.52
C LEU C 255 13.83 -5.89 0.48
N PHE C 256 14.02 -6.41 1.70
CA PHE C 256 12.91 -6.58 2.65
C PHE C 256 12.95 -5.60 3.84
N ASN D 3 14.79 -11.77 -29.95
CA ASN D 3 14.36 -13.02 -29.27
C ASN D 3 14.90 -13.13 -27.83
N ARG D 4 14.32 -12.34 -26.92
CA ARG D 4 14.63 -12.42 -25.49
C ARG D 4 14.66 -13.85 -24.92
N LEU D 5 13.75 -14.71 -25.35
CA LEU D 5 13.46 -15.96 -24.65
C LEU D 5 13.84 -17.21 -25.44
N ARG D 6 14.80 -17.05 -26.34
CA ARG D 6 15.19 -18.10 -27.28
C ARG D 6 15.55 -19.38 -26.53
N SER D 7 16.38 -19.25 -25.51
CA SER D 7 16.80 -20.40 -24.73
C SER D 7 15.61 -21.17 -24.09
N ALA D 8 14.55 -20.44 -23.73
CA ALA D 8 13.65 -20.84 -22.63
C ALA D 8 12.51 -21.83 -22.93
N LEU D 9 12.12 -22.57 -21.90
CA LEU D 9 10.88 -23.33 -21.86
C LEU D 9 9.91 -22.66 -20.87
N ALA D 10 8.69 -22.38 -21.34
CA ALA D 10 7.67 -21.67 -20.58
C ALA D 10 6.45 -22.58 -20.33
N LEU D 11 5.95 -22.63 -19.12
CA LEU D 11 4.69 -23.32 -18.82
C LEU D 11 3.64 -22.25 -18.48
N VAL D 12 2.48 -22.32 -19.13
CA VAL D 12 1.39 -21.37 -18.94
C VAL D 12 0.10 -22.12 -18.57
N THR D 13 -0.42 -21.91 -17.36
CA THR D 13 -1.69 -22.52 -16.98
C THR D 13 -2.86 -21.59 -17.40
N GLY D 14 -4.04 -22.15 -17.61
CA GLY D 14 -5.15 -21.37 -18.17
C GLY D 14 -4.87 -20.85 -19.60
N ALA D 15 -4.09 -21.63 -20.35
CA ALA D 15 -3.56 -21.22 -21.64
C ALA D 15 -4.57 -21.34 -22.77
N GLY D 16 -5.71 -21.96 -22.47
CA GLY D 16 -6.74 -22.16 -23.50
C GLY D 16 -7.52 -20.91 -23.84
N SER D 17 -7.37 -19.85 -23.06
CA SER D 17 -8.27 -18.69 -23.21
C SER D 17 -7.66 -17.37 -22.78
N GLY D 18 -8.22 -16.27 -23.28
CA GLY D 18 -7.97 -14.92 -22.75
C GLY D 18 -6.49 -14.61 -22.54
N ILE D 19 -6.15 -14.27 -21.30
CA ILE D 19 -4.80 -13.83 -20.95
C ILE D 19 -3.76 -14.93 -21.15
N GLY D 20 -4.08 -16.14 -20.73
CA GLY D 20 -3.17 -17.28 -20.87
C GLY D 20 -2.80 -17.57 -22.30
N ARG D 21 -3.78 -17.42 -23.19
CA ARG D 21 -3.54 -17.65 -24.62
C ARG D 21 -2.61 -16.56 -25.18
N ALA D 22 -2.87 -15.32 -24.78
CA ALA D 22 -2.06 -14.18 -25.23
C ALA D 22 -0.65 -14.28 -24.69
N VAL D 23 -0.51 -14.79 -23.46
CA VAL D 23 0.81 -14.96 -22.89
C VAL D 23 1.57 -16.00 -23.73
N SER D 24 0.89 -17.11 -24.09
CA SER D 24 1.49 -18.21 -24.87
C SER D 24 1.99 -17.73 -26.21
N VAL D 25 1.13 -17.00 -26.92
CA VAL D 25 1.48 -16.38 -28.19
C VAL D 25 2.66 -15.42 -28.03
N ARG D 26 2.59 -14.60 -26.99
CA ARG D 26 3.62 -13.60 -26.79
C ARG D 26 4.95 -14.25 -26.50
N LEU D 27 4.97 -15.23 -25.58
CA LEU D 27 6.22 -15.88 -25.22
C LEU D 27 6.82 -16.64 -26.42
N ALA D 28 5.98 -17.28 -27.21
CA ALA D 28 6.44 -17.99 -28.43
C ALA D 28 7.04 -17.01 -29.46
N GLY D 29 6.45 -15.81 -29.54
CA GLY D 29 6.95 -14.75 -30.43
C GLY D 29 8.37 -14.32 -30.08
N GLU D 30 8.73 -14.46 -28.81
CA GLU D 30 10.06 -14.12 -28.32
C GLU D 30 11.05 -15.30 -28.32
N GLY D 31 10.63 -16.46 -28.83
CA GLY D 31 11.53 -17.60 -29.02
C GLY D 31 11.40 -18.76 -28.03
N ALA D 32 10.47 -18.65 -27.09
CA ALA D 32 10.27 -19.71 -26.07
C ALA D 32 9.51 -20.90 -26.64
N THR D 33 9.80 -22.10 -26.12
CA THR D 33 8.99 -23.26 -26.38
C THR D 33 7.93 -23.26 -25.28
N VAL D 34 6.67 -23.45 -25.64
CA VAL D 34 5.56 -23.28 -24.72
C VAL D 34 4.86 -24.59 -24.45
N ALA D 35 4.81 -24.95 -23.17
CA ALA D 35 3.94 -26.02 -22.68
C ALA D 35 2.66 -25.32 -22.23
N ALA D 36 1.59 -25.50 -22.98
CA ALA D 36 0.34 -24.78 -22.77
C ALA D 36 -0.65 -25.69 -22.07
N CYS D 37 -1.04 -25.31 -20.85
CA CYS D 37 -1.88 -26.16 -20.01
C CYS D 37 -3.26 -25.52 -19.73
N ASP D 38 -4.31 -26.32 -19.73
CA ASP D 38 -5.65 -25.80 -19.44
C ASP D 38 -6.56 -26.93 -18.94
N LEU D 39 -7.64 -26.55 -18.26
CA LEU D 39 -8.62 -27.54 -17.79
C LEU D 39 -9.25 -28.21 -19.00
N ASP D 40 -9.37 -27.43 -20.08
CA ASP D 40 -9.90 -27.87 -21.37
C ASP D 40 -8.75 -28.26 -22.31
N ARG D 41 -8.49 -29.56 -22.47
CA ARG D 41 -7.42 -30.02 -23.38
C ARG D 41 -7.60 -29.43 -24.77
N ALA D 42 -8.86 -29.38 -25.23
CA ALA D 42 -9.19 -28.90 -26.55
C ALA D 42 -8.72 -27.46 -26.81
N ALA D 43 -8.93 -26.60 -25.81
CA ALA D 43 -8.57 -25.17 -25.86
C ALA D 43 -7.05 -24.96 -25.83
N ALA D 44 -6.37 -25.78 -25.03
CA ALA D 44 -4.91 -25.82 -24.99
C ALA D 44 -4.32 -26.25 -26.34
N GLN D 45 -4.93 -27.27 -26.95
CA GLN D 45 -4.49 -27.72 -28.27
C GLN D 45 -4.67 -26.61 -29.32
N GLU D 46 -5.80 -25.93 -29.25
CA GLU D 46 -6.12 -24.79 -30.12
C GLU D 46 -5.06 -23.67 -29.95
N THR D 47 -4.70 -23.35 -28.70
CA THR D 47 -3.68 -22.34 -28.48
C THR D 47 -2.37 -22.77 -29.10
N VAL D 48 -1.96 -24.02 -28.89
CA VAL D 48 -0.72 -24.53 -29.45
C VAL D 48 -0.69 -24.35 -30.97
N ARG D 49 -1.82 -24.58 -31.63
CA ARG D 49 -1.95 -24.38 -33.08
C ARG D 49 -1.64 -22.95 -33.49
N LEU D 50 -2.03 -21.97 -32.68
CA LEU D 50 -1.72 -20.56 -32.99
C LEU D 50 -0.25 -20.19 -32.84
N LEU D 51 0.53 -21.01 -32.14
CA LEU D 51 1.94 -20.65 -31.89
C LEU D 51 2.84 -20.96 -33.11
N ASN D 64 9.30 -28.31 -29.98
CA ASN D 64 7.89 -28.32 -30.33
C ASN D 64 7.03 -27.92 -29.13
N HIS D 65 6.24 -26.85 -29.29
CA HIS D 65 5.22 -26.48 -28.28
C HIS D 65 4.34 -27.70 -28.06
N ALA D 66 3.74 -27.80 -26.88
CA ALA D 66 2.88 -28.94 -26.58
C ALA D 66 1.75 -28.53 -25.67
N ALA D 67 0.63 -29.23 -25.78
CA ALA D 67 -0.53 -28.96 -24.95
C ALA D 67 -0.61 -29.99 -23.82
N PHE D 68 -1.07 -29.56 -22.66
CA PHE D 68 -1.21 -30.43 -21.49
C PHE D 68 -2.54 -30.11 -20.86
N GLN D 69 -3.16 -31.12 -20.23
CA GLN D 69 -4.45 -30.95 -19.55
C GLN D 69 -4.24 -31.16 -18.05
N ALA D 70 -4.86 -30.32 -17.23
CA ALA D 70 -4.79 -30.49 -15.78
C ALA D 70 -5.77 -29.58 -15.03
N ASP D 71 -6.25 -30.05 -13.87
CA ASP D 71 -6.94 -29.17 -12.93
C ASP D 71 -5.96 -28.72 -11.85
N VAL D 72 -5.51 -27.47 -11.96
CA VAL D 72 -4.45 -26.98 -11.05
C VAL D 72 -4.85 -26.92 -9.57
N SER D 73 -6.15 -26.87 -9.30
CA SER D 73 -6.62 -26.84 -7.91
C SER D 73 -6.40 -28.18 -7.21
N GLU D 74 -6.07 -29.24 -7.95
CA GLU D 74 -5.87 -30.58 -7.34
C GLU D 74 -4.38 -30.88 -7.13
N ALA D 75 -3.98 -31.24 -5.90
CA ALA D 75 -2.55 -31.36 -5.54
C ALA D 75 -1.73 -32.34 -6.40
N ARG D 76 -2.30 -33.51 -6.64
CA ARG D 76 -1.58 -34.54 -7.40
C ARG D 76 -1.47 -34.16 -8.88
N ALA D 77 -2.41 -33.38 -9.39
CA ALA D 77 -2.39 -32.91 -10.79
C ALA D 77 -1.30 -31.87 -11.05
N ALA D 78 -1.12 -30.95 -10.10
CA ALA D 78 -0.11 -29.91 -10.25
C ALA D 78 1.29 -30.55 -10.36
N ARG D 79 1.56 -31.52 -9.51
CA ARG D 79 2.83 -32.22 -9.53
C ARG D 79 3.01 -32.98 -10.83
N CYS D 80 1.94 -33.64 -11.25
CA CYS D 80 1.99 -34.50 -12.42
CA CYS D 80 1.96 -34.50 -12.42
C CYS D 80 2.21 -33.70 -13.69
N LEU D 81 1.63 -32.50 -13.73
CA LEU D 81 1.84 -31.55 -14.81
C LEU D 81 3.33 -31.25 -14.96
N LEU D 82 3.97 -30.88 -13.85
CA LEU D 82 5.40 -30.57 -13.89
C LEU D 82 6.23 -31.79 -14.31
N GLU D 83 5.86 -32.97 -13.83
CA GLU D 83 6.55 -34.20 -14.22
C GLU D 83 6.37 -34.45 -15.74
N GLN D 84 5.14 -34.25 -16.21
CA GLN D 84 4.80 -34.47 -17.61
C GLN D 84 5.61 -33.56 -18.55
N VAL D 85 5.79 -32.33 -18.14
CA VAL D 85 6.54 -31.36 -18.92
C VAL D 85 8.03 -31.75 -18.96
N GLN D 86 8.56 -32.11 -17.80
CA GLN D 86 9.96 -32.52 -17.67
C GLN D 86 10.27 -33.75 -18.50
N ALA D 87 9.30 -34.67 -18.61
CA ALA D 87 9.45 -35.89 -19.42
C ALA D 87 9.39 -35.56 -20.91
N CYS D 88 8.60 -34.55 -21.24
CA CYS D 88 8.40 -34.18 -22.62
C CYS D 88 9.61 -33.45 -23.17
N PHE D 89 10.15 -32.53 -22.38
CA PHE D 89 11.20 -31.61 -22.85
C PHE D 89 12.59 -31.90 -22.28
N SER D 90 12.68 -32.84 -21.33
CA SER D 90 13.95 -33.19 -20.69
C SER D 90 14.57 -32.05 -19.88
N ARG D 91 13.74 -31.10 -19.47
CA ARG D 91 14.16 -30.01 -18.62
C ARG D 91 12.92 -29.40 -17.96
N PRO D 92 13.11 -28.72 -16.82
CA PRO D 92 11.98 -28.02 -16.23
C PRO D 92 11.72 -26.70 -16.95
N PRO D 93 10.49 -26.16 -16.87
CA PRO D 93 10.28 -24.84 -17.46
C PRO D 93 10.91 -23.75 -16.62
N SER D 94 11.58 -22.79 -17.26
CA SER D 94 12.30 -21.74 -16.55
C SER D 94 11.46 -20.45 -16.44
N VAL D 95 10.32 -20.44 -17.15
CA VAL D 95 9.29 -19.42 -17.05
C VAL D 95 7.98 -20.14 -16.73
N VAL D 96 7.29 -19.77 -15.65
CA VAL D 96 5.99 -20.37 -15.36
C VAL D 96 5.02 -19.24 -15.07
N VAL D 97 3.88 -19.25 -15.78
CA VAL D 97 2.86 -18.23 -15.68
C VAL D 97 1.53 -18.85 -15.27
N SER D 98 1.03 -18.50 -14.09
CA SER D 98 -0.26 -18.99 -13.60
C SER D 98 -1.35 -18.01 -14.01
N CYS D 99 -2.15 -18.39 -15.01
CA CYS D 99 -3.31 -17.62 -15.49
C CYS D 99 -4.63 -18.38 -15.34
N ALA D 100 -4.60 -19.55 -14.70
CA ALA D 100 -5.80 -20.32 -14.43
C ALA D 100 -6.51 -19.60 -13.30
N GLY D 101 -7.79 -19.31 -13.51
CA GLY D 101 -8.51 -18.42 -12.63
C GLY D 101 -9.97 -18.36 -13.03
N ILE D 102 -10.83 -18.12 -12.04
CA ILE D 102 -12.28 -18.00 -12.23
C ILE D 102 -12.86 -16.94 -11.30
N THR D 103 -14.10 -16.54 -11.58
CA THR D 103 -14.94 -15.83 -10.63
C THR D 103 -16.24 -16.58 -10.43
N GLN D 104 -16.84 -16.41 -9.25
CA GLN D 104 -18.17 -16.91 -8.93
C GLN D 104 -18.82 -15.87 -8.01
N ASP D 105 -19.33 -14.81 -8.65
CA ASP D 105 -19.68 -13.59 -7.96
C ASP D 105 -20.98 -13.70 -7.17
N GLU D 106 -21.00 -13.14 -5.97
CA GLU D 106 -22.23 -13.10 -5.19
C GLU D 106 -21.99 -12.18 -4.02
N PHE D 107 -23.05 -11.49 -3.58
CA PHE D 107 -22.93 -10.66 -2.39
C PHE D 107 -22.60 -11.50 -1.17
N LEU D 108 -21.83 -10.93 -0.26
CA LEU D 108 -21.42 -11.60 0.95
C LEU D 108 -22.59 -12.28 1.66
N LEU D 109 -23.68 -11.55 1.86
CA LEU D 109 -24.80 -12.08 2.63
C LEU D 109 -25.41 -13.35 2.04
N HIS D 110 -25.18 -13.59 0.74
CA HIS D 110 -25.79 -14.71 0.00
C HIS D 110 -24.78 -15.74 -0.54
N MET D 111 -23.49 -15.53 -0.35
CA MET D 111 -22.47 -16.37 -0.97
C MET D 111 -22.46 -17.78 -0.40
N SER D 112 -22.60 -18.79 -1.25
CA SER D 112 -22.64 -20.16 -0.81
C SER D 112 -21.23 -20.62 -0.47
N GLU D 113 -21.15 -21.63 0.37
CA GLU D 113 -19.89 -22.24 0.72
C GLU D 113 -19.17 -22.74 -0.54
N ASP D 114 -19.89 -23.32 -1.50
CA ASP D 114 -19.21 -23.83 -2.72
C ASP D 114 -18.68 -22.71 -3.63
N ASP D 115 -19.38 -21.58 -3.64
CA ASP D 115 -18.90 -20.43 -4.40
C ASP D 115 -17.67 -19.79 -3.78
N TRP D 116 -17.61 -19.77 -2.45
CA TRP D 116 -16.39 -19.41 -1.76
C TRP D 116 -15.29 -20.44 -2.06
N ASP D 117 -15.56 -21.72 -1.75
CA ASP D 117 -14.58 -22.79 -1.88
C ASP D 117 -13.97 -22.93 -3.27
N LYS D 118 -14.81 -22.91 -4.29
CA LYS D 118 -14.31 -23.14 -5.65
C LYS D 118 -13.32 -22.03 -6.08
N VAL D 119 -13.65 -20.79 -5.79
CA VAL D 119 -12.79 -19.66 -6.19
C VAL D 119 -11.46 -19.73 -5.47
N ILE D 120 -11.48 -20.04 -4.16
CA ILE D 120 -10.27 -20.14 -3.38
C ILE D 120 -9.42 -21.31 -3.85
N ALA D 121 -10.06 -22.44 -4.18
CA ALA D 121 -9.34 -23.64 -4.66
C ALA D 121 -8.59 -23.42 -6.00
N VAL D 122 -9.26 -22.83 -6.97
CA VAL D 122 -8.66 -22.62 -8.27
C VAL D 122 -7.64 -21.48 -8.22
N ASN D 123 -8.05 -20.34 -7.70
CA ASN D 123 -7.28 -19.11 -7.83
C ASN D 123 -6.10 -19.09 -6.89
N LEU D 124 -6.31 -19.51 -5.64
CA LEU D 124 -5.28 -19.40 -4.60
C LEU D 124 -4.52 -20.70 -4.41
N LYS D 125 -5.22 -21.77 -4.06
CA LYS D 125 -4.58 -23.07 -3.89
C LYS D 125 -3.87 -23.51 -5.18
N GLY D 126 -4.55 -23.36 -6.32
CA GLY D 126 -3.96 -23.67 -7.64
C GLY D 126 -2.67 -22.92 -7.89
N THR D 127 -2.66 -21.62 -7.60
CA THR D 127 -1.47 -20.82 -7.79
C THR D 127 -0.38 -21.27 -6.85
N PHE D 128 -0.74 -21.63 -5.63
CA PHE D 128 0.23 -22.16 -4.68
C PHE D 128 0.87 -23.42 -5.20
N LEU D 129 0.04 -24.37 -5.63
CA LEU D 129 0.54 -25.69 -6.05
C LEU D 129 1.39 -25.66 -7.30
N VAL D 130 1.10 -24.72 -8.20
CA VAL D 130 1.87 -24.57 -9.41
C VAL D 130 3.19 -23.86 -9.10
N THR D 131 3.14 -22.83 -8.25
CA THR D 131 4.37 -22.16 -7.80
C THR D 131 5.32 -23.17 -7.14
N GLN D 132 4.76 -24.02 -6.30
CA GLN D 132 5.54 -24.98 -5.53
C GLN D 132 6.20 -25.99 -6.44
N ALA D 133 5.43 -26.59 -7.35
CA ALA D 133 5.92 -27.66 -8.23
C ALA D 133 6.99 -27.12 -9.15
N ALA D 134 6.75 -25.92 -9.68
CA ALA D 134 7.73 -25.24 -10.51
C ALA D 134 9.04 -24.98 -9.78
N ALA D 135 8.97 -24.41 -8.58
CA ALA D 135 10.17 -24.12 -7.81
C ALA D 135 10.93 -25.40 -7.49
N GLN D 136 10.21 -26.45 -7.16
CA GLN D 136 10.81 -27.74 -6.85
C GLN D 136 11.61 -28.31 -8.03
N ALA D 137 11.01 -28.27 -9.22
CA ALA D 137 11.63 -28.77 -10.44
C ALA D 137 12.90 -27.97 -10.73
N LEU D 138 12.83 -26.65 -10.58
CA LEU D 138 14.00 -25.79 -10.83
C LEU D 138 15.12 -25.98 -9.79
N VAL D 139 14.82 -25.88 -8.50
CA VAL D 139 15.87 -26.07 -7.48
C VAL D 139 16.56 -27.45 -7.61
N SER D 140 15.77 -28.49 -7.92
CA SER D 140 16.30 -29.85 -7.97
C SER D 140 17.25 -30.03 -9.15
N ASN D 141 16.99 -29.28 -10.21
CA ASN D 141 17.81 -29.27 -11.42
C ASN D 141 18.87 -28.17 -11.46
N GLY D 142 19.02 -27.43 -10.36
CA GLY D 142 20.01 -26.36 -10.30
C GLY D 142 19.84 -25.27 -11.33
N CYS D 143 18.58 -24.97 -11.67
CA CYS D 143 18.25 -24.05 -12.76
C CYS D 143 17.64 -22.75 -12.25
N ARG D 144 17.94 -21.64 -12.94
CA ARG D 144 17.35 -20.34 -12.62
C ARG D 144 16.00 -20.22 -13.32
N GLY D 145 15.14 -19.31 -12.84
CA GLY D 145 13.80 -19.15 -13.42
C GLY D 145 13.02 -17.91 -12.98
N SER D 146 11.83 -17.74 -13.57
CA SER D 146 10.93 -16.64 -13.28
C SER D 146 9.49 -17.17 -13.22
N ILE D 147 8.83 -16.99 -12.07
CA ILE D 147 7.44 -17.42 -11.86
C ILE D 147 6.57 -16.19 -11.76
N ILE D 148 5.49 -16.15 -12.55
CA ILE D 148 4.68 -14.98 -12.71
C ILE D 148 3.25 -15.42 -12.46
N ASN D 149 2.63 -14.82 -11.44
CA ASN D 149 1.30 -15.19 -11.02
C ASN D 149 0.35 -14.06 -11.42
N ILE D 150 -0.76 -14.36 -12.08
CA ILE D 150 -1.66 -13.28 -12.45
C ILE D 150 -2.64 -13.13 -11.27
N SER D 151 -2.55 -11.97 -10.61
CA SER D 151 -3.43 -11.66 -9.49
C SER D 151 -4.55 -10.79 -10.08
N SER D 152 -4.85 -9.64 -9.46
CA SER D 152 -5.84 -8.66 -9.95
C SER D 152 -5.75 -7.43 -9.06
N ILE D 153 -6.08 -6.26 -9.61
CA ILE D 153 -6.16 -5.05 -8.78
C ILE D 153 -7.25 -5.14 -7.67
N VAL D 154 -8.26 -5.99 -7.88
CA VAL D 154 -9.26 -6.30 -6.87
C VAL D 154 -8.59 -6.99 -5.64
N GLY D 155 -7.45 -7.65 -5.87
CA GLY D 155 -6.65 -8.20 -4.74
C GLY D 155 -6.07 -7.13 -3.83
N LYS D 156 -5.95 -5.90 -4.32
CA LYS D 156 -5.36 -4.81 -3.56
C LYS D 156 -6.42 -3.95 -2.86
N VAL D 157 -7.59 -3.80 -3.49
CA VAL D 157 -8.63 -2.88 -3.02
C VAL D 157 -10.01 -3.49 -2.71
N GLY D 158 -10.22 -4.74 -3.13
CA GLY D 158 -11.53 -5.38 -3.01
C GLY D 158 -12.49 -4.95 -4.10
N ASN D 159 -13.63 -5.64 -4.22
CA ASN D 159 -14.71 -5.23 -5.17
C ASN D 159 -16.08 -5.87 -4.84
N VAL D 160 -17.13 -5.07 -4.92
CA VAL D 160 -18.44 -5.48 -4.47
C VAL D 160 -18.91 -6.71 -5.26
N GLY D 161 -19.44 -7.71 -4.57
CA GLY D 161 -19.87 -8.96 -5.21
C GLY D 161 -18.74 -9.97 -5.36
N GLN D 162 -17.52 -9.64 -4.94
CA GLN D 162 -16.39 -10.53 -5.18
C GLN D 162 -15.54 -10.76 -3.92
N THR D 163 -16.15 -10.83 -2.74
CA THR D 163 -15.40 -11.22 -1.52
C THR D 163 -14.47 -12.41 -1.74
N ASN D 164 -14.98 -13.42 -2.44
CA ASN D 164 -14.23 -14.65 -2.64
C ASN D 164 -13.04 -14.43 -3.58
N TYR D 165 -13.30 -13.76 -4.68
CA TYR D 165 -12.26 -13.41 -5.66
C TYR D 165 -11.21 -12.49 -5.06
N ALA D 166 -11.66 -11.40 -4.42
CA ALA D 166 -10.78 -10.46 -3.73
C ALA D 166 -9.86 -11.15 -2.71
N ALA D 167 -10.44 -12.03 -1.92
CA ALA D 167 -9.69 -12.81 -0.93
C ALA D 167 -8.61 -13.65 -1.63
N SER D 168 -8.99 -14.33 -2.70
CA SER D 168 -8.12 -15.24 -3.44
C SER D 168 -6.94 -14.46 -4.03
N LYS D 169 -7.21 -13.27 -4.55
CA LYS D 169 -6.19 -12.54 -5.29
C LYS D 169 -5.26 -11.81 -4.34
N ALA D 170 -5.78 -11.33 -3.20
CA ALA D 170 -4.92 -10.83 -2.12
C ALA D 170 -3.96 -11.94 -1.64
N GLY D 171 -4.52 -13.12 -1.41
CA GLY D 171 -3.73 -14.30 -1.06
C GLY D 171 -2.60 -14.63 -2.02
N VAL D 172 -2.87 -14.44 -3.33
CA VAL D 172 -1.83 -14.67 -4.36
C VAL D 172 -0.67 -13.68 -4.20
N ILE D 173 -0.99 -12.44 -3.86
CA ILE D 173 0.05 -11.45 -3.65
C ILE D 173 0.92 -11.83 -2.42
N GLY D 174 0.30 -12.22 -1.29
CA GLY D 174 1.10 -12.61 -0.09
C GLY D 174 1.93 -13.86 -0.33
N LEU D 175 1.34 -14.80 -1.02
CA LEU D 175 2.05 -16.02 -1.43
C LEU D 175 3.29 -15.70 -2.28
N THR D 176 3.10 -14.84 -3.28
CA THR D 176 4.16 -14.47 -4.22
C THR D 176 5.27 -13.70 -3.56
N GLN D 177 4.95 -12.77 -2.65
CA GLN D 177 5.97 -12.07 -1.88
C GLN D 177 6.82 -13.01 -1.06
N THR D 178 6.18 -13.92 -0.37
CA THR D 178 6.90 -14.84 0.49
C THR D 178 7.77 -15.81 -0.33
N ALA D 179 7.20 -16.39 -1.36
CA ALA D 179 7.93 -17.22 -2.30
C ALA D 179 9.15 -16.52 -2.84
N ALA D 180 9.01 -15.24 -3.26
CA ALA D 180 10.14 -14.49 -3.77
C ALA D 180 11.27 -14.53 -2.74
N ARG D 181 10.90 -14.30 -1.48
CA ARG D 181 11.91 -14.17 -0.45
C ARG D 181 12.62 -15.50 -0.17
N GLU D 182 11.90 -16.61 -0.28
CA GLU D 182 12.51 -17.94 -0.02
C GLU D 182 13.32 -18.45 -1.21
N LEU D 183 13.02 -17.96 -2.41
CA LEU D 183 13.59 -18.52 -3.64
C LEU D 183 14.68 -17.70 -4.31
N GLY D 184 14.82 -16.44 -3.92
CA GLY D 184 15.89 -15.59 -4.46
C GLY D 184 17.26 -16.26 -4.39
N ARG D 185 17.55 -16.91 -3.27
CA ARG D 185 18.85 -17.57 -3.06
C ARG D 185 19.09 -18.72 -4.05
N HIS D 186 18.01 -19.22 -4.67
CA HIS D 186 18.09 -20.27 -5.68
C HIS D 186 18.06 -19.70 -7.09
N GLY D 187 18.11 -18.37 -7.21
CA GLY D 187 18.06 -17.72 -8.53
C GLY D 187 16.70 -17.79 -9.21
N ILE D 188 15.63 -17.85 -8.41
CA ILE D 188 14.27 -17.87 -8.96
C ILE D 188 13.52 -16.62 -8.49
N ARG D 189 12.99 -15.87 -9.45
CA ARG D 189 12.16 -14.70 -9.20
C ARG D 189 10.70 -15.06 -9.19
N CYS D 190 9.92 -14.33 -8.38
CA CYS D 190 8.47 -14.51 -8.30
CA CYS D 190 8.47 -14.52 -8.32
C CYS D 190 7.83 -13.14 -8.19
N ASN D 191 6.85 -12.86 -9.05
CA ASN D 191 6.21 -11.58 -9.15
C ASN D 191 4.76 -11.78 -9.50
N SER D 192 3.92 -10.79 -9.17
CA SER D 192 2.47 -10.79 -9.46
C SER D 192 2.18 -9.73 -10.53
N VAL D 193 1.21 -9.99 -11.37
CA VAL D 193 0.73 -8.99 -12.32
C VAL D 193 -0.69 -8.71 -11.90
N LEU D 194 -1.04 -7.42 -11.73
CA LEU D 194 -2.40 -7.04 -11.31
C LEU D 194 -3.11 -6.34 -12.45
N PRO D 195 -3.80 -7.12 -13.31
CA PRO D 195 -4.59 -6.48 -14.34
C PRO D 195 -5.80 -5.70 -13.82
N GLY D 196 -6.20 -4.67 -14.56
CA GLY D 196 -7.43 -3.96 -14.27
C GLY D 196 -8.60 -4.63 -14.97
N PHE D 197 -9.29 -3.88 -15.80
CA PHE D 197 -10.46 -4.38 -16.52
C PHE D 197 -10.01 -4.76 -17.93
N ILE D 198 -9.95 -6.07 -18.17
CA ILE D 198 -9.45 -6.65 -19.42
C ILE D 198 -10.55 -7.42 -20.14
N ALA D 199 -10.83 -7.03 -21.38
CA ALA D 199 -11.81 -7.74 -22.21
C ALA D 199 -11.32 -9.17 -22.51
N THR D 200 -12.01 -10.15 -21.95
CA THR D 200 -11.75 -11.59 -22.16
C THR D 200 -13.08 -12.29 -22.00
N PRO D 201 -13.11 -13.62 -22.24
CA PRO D 201 -14.35 -14.35 -21.95
C PRO D 201 -14.72 -14.40 -20.46
N MET D 202 -13.76 -14.17 -19.57
CA MET D 202 -14.09 -13.97 -18.15
C MET D 202 -15.02 -12.77 -18.02
N THR D 203 -14.63 -11.64 -18.60
CA THR D 203 -15.39 -10.38 -18.48
C THR D 203 -16.43 -10.10 -19.58
N GLN D 204 -16.54 -10.97 -20.59
CA GLN D 204 -17.47 -10.77 -21.71
C GLN D 204 -18.94 -10.79 -21.28
N LYS D 205 -19.23 -11.40 -20.14
CA LYS D 205 -20.61 -11.45 -19.63
C LYS D 205 -21.00 -10.18 -18.88
N VAL D 206 -20.03 -9.34 -18.52
CA VAL D 206 -20.31 -8.09 -17.80
C VAL D 206 -21.07 -7.11 -18.73
N PRO D 207 -22.22 -6.57 -18.27
CA PRO D 207 -23.09 -5.73 -19.13
C PRO D 207 -22.44 -4.40 -19.49
N GLN D 208 -22.87 -3.82 -20.60
CA GLN D 208 -22.19 -2.66 -21.18
C GLN D 208 -22.46 -1.35 -20.43
N LYS D 209 -23.61 -1.27 -19.76
CA LYS D 209 -23.96 -0.06 -18.98
C LYS D 209 -23.00 0.15 -17.78
N VAL D 210 -22.44 -0.94 -17.27
CA VAL D 210 -21.40 -0.85 -16.23
C VAL D 210 -20.01 -0.75 -16.88
N VAL D 211 -19.76 -1.64 -17.84
CA VAL D 211 -18.53 -1.62 -18.65
C VAL D 211 -18.26 -0.25 -19.28
N ASP D 212 -19.33 0.49 -19.59
CA ASP D 212 -19.18 1.88 -20.03
C ASP D 212 -18.72 2.78 -18.89
N LYS D 213 -19.37 2.69 -17.73
CA LYS D 213 -19.05 3.54 -16.56
C LYS D 213 -17.63 3.31 -16.02
N ILE D 214 -17.17 2.06 -16.06
CA ILE D 214 -15.80 1.77 -15.70
C ILE D 214 -14.81 2.51 -16.62
N THR D 215 -15.09 2.55 -17.91
CA THR D 215 -14.21 3.20 -18.86
C THR D 215 -13.96 4.68 -18.55
N GLU D 216 -14.93 5.36 -17.95
CA GLU D 216 -14.74 6.74 -17.51
C GLU D 216 -13.76 6.88 -16.33
N MET D 217 -13.58 5.81 -15.56
CA MET D 217 -12.65 5.79 -14.43
C MET D 217 -11.25 5.33 -14.85
N ILE D 218 -11.04 5.17 -16.16
CA ILE D 218 -9.74 4.78 -16.71
C ILE D 218 -9.09 5.99 -17.42
N PRO D 219 -8.00 6.54 -16.85
CA PRO D 219 -7.23 7.62 -17.48
C PRO D 219 -6.84 7.36 -18.95
N MET D 220 -6.46 6.12 -19.28
CA MET D 220 -6.12 5.78 -20.65
C MET D 220 -7.36 5.73 -21.57
N GLY D 221 -8.57 5.70 -20.98
CA GLY D 221 -9.84 5.87 -21.71
C GLY D 221 -10.40 4.65 -22.42
N HIS D 222 -9.89 3.46 -22.10
CA HIS D 222 -10.35 2.22 -22.73
C HIS D 222 -9.99 0.99 -21.91
N LEU D 223 -10.70 -0.11 -22.16
CA LEU D 223 -10.41 -1.37 -21.51
C LEU D 223 -9.13 -1.94 -22.08
N GLY D 224 -8.53 -2.85 -21.33
CA GLY D 224 -7.29 -3.48 -21.73
C GLY D 224 -7.51 -4.69 -22.60
N ASP D 225 -6.42 -5.12 -23.24
CA ASP D 225 -6.39 -6.29 -24.09
C ASP D 225 -5.54 -7.29 -23.34
N PRO D 226 -5.83 -8.60 -23.51
CA PRO D 226 -4.93 -9.63 -23.02
C PRO D 226 -3.49 -9.40 -23.48
N GLU D 227 -3.32 -8.86 -24.70
CA GLU D 227 -1.98 -8.52 -25.19
C GLU D 227 -1.26 -7.54 -24.26
N ASP D 228 -2.01 -6.67 -23.59
CA ASP D 228 -1.45 -5.69 -22.65
C ASP D 228 -0.88 -6.40 -21.44
N VAL D 229 -1.57 -7.43 -20.99
CA VAL D 229 -1.09 -8.22 -19.87
C VAL D 229 0.06 -9.10 -20.33
N ALA D 230 -0.06 -9.69 -21.52
CA ALA D 230 1.01 -10.51 -22.09
C ALA D 230 2.34 -9.77 -22.17
N ASP D 231 2.31 -8.51 -22.62
CA ASP D 231 3.51 -7.66 -22.73
C ASP D 231 4.26 -7.52 -21.38
N VAL D 232 3.52 -7.36 -20.29
CA VAL D 232 4.13 -7.25 -18.94
C VAL D 232 4.71 -8.58 -18.51
N VAL D 233 4.02 -9.66 -18.83
CA VAL D 233 4.51 -10.99 -18.51
C VAL D 233 5.80 -11.28 -19.24
N ALA D 234 5.90 -10.87 -20.50
CA ALA D 234 7.12 -11.13 -21.28
C ALA D 234 8.32 -10.40 -20.67
N PHE D 235 8.09 -9.16 -20.23
CA PHE D 235 9.12 -8.37 -19.50
C PHE D 235 9.55 -9.09 -18.24
N LEU D 236 8.59 -9.58 -17.46
CA LEU D 236 8.93 -10.25 -16.20
C LEU D 236 9.61 -11.60 -16.42
N ALA D 237 9.34 -12.21 -17.56
CA ALA D 237 9.96 -13.47 -17.98
C ALA D 237 11.41 -13.30 -18.41
N SER D 238 11.74 -12.14 -18.96
CA SER D 238 13.04 -11.88 -19.55
C SER D 238 14.03 -11.41 -18.49
N GLU D 239 15.31 -11.46 -18.83
CA GLU D 239 16.36 -10.93 -17.98
C GLU D 239 16.38 -9.39 -17.87
N ASP D 240 15.52 -8.70 -18.64
CA ASP D 240 15.34 -7.25 -18.47
C ASP D 240 14.74 -6.94 -17.11
N SER D 241 14.08 -7.91 -16.47
CA SER D 241 13.56 -7.75 -15.12
C SER D 241 14.34 -8.51 -14.06
N GLY D 242 15.62 -8.76 -14.33
CA GLY D 242 16.43 -9.64 -13.51
C GLY D 242 16.66 -9.20 -12.08
N TYR D 243 16.38 -7.94 -11.76
CA TYR D 243 16.49 -7.44 -10.38
C TYR D 243 15.11 -7.11 -9.81
N ILE D 244 14.09 -7.62 -10.45
CA ILE D 244 12.76 -7.42 -9.98
C ILE D 244 12.24 -8.75 -9.43
N THR D 245 12.04 -8.81 -8.13
CA THR D 245 11.38 -9.97 -7.55
C THR D 245 10.52 -9.59 -6.35
N GLY D 246 9.47 -10.38 -6.08
CA GLY D 246 8.65 -10.16 -4.89
C GLY D 246 7.72 -8.98 -5.00
N THR D 247 7.46 -8.53 -6.22
CA THR D 247 6.62 -7.34 -6.35
C THR D 247 5.41 -7.60 -7.23
N SER D 248 4.58 -6.56 -7.38
CA SER D 248 3.40 -6.65 -8.19
C SER D 248 3.42 -5.49 -9.18
N VAL D 249 3.12 -5.77 -10.42
CA VAL D 249 3.03 -4.75 -11.45
C VAL D 249 1.58 -4.59 -11.81
N GLU D 250 1.06 -3.38 -11.72
CA GLU D 250 -0.32 -3.11 -12.08
C GLU D 250 -0.45 -2.73 -13.57
N VAL D 251 -1.39 -3.37 -14.25
CA VAL D 251 -1.66 -3.11 -15.67
C VAL D 251 -3.14 -2.77 -15.80
N THR D 252 -3.48 -1.54 -15.44
CA THR D 252 -4.85 -1.15 -15.22
C THR D 252 -5.26 0.06 -16.04
N GLY D 253 -4.32 0.65 -16.79
CA GLY D 253 -4.59 1.88 -17.52
C GLY D 253 -4.78 3.10 -16.60
N GLY D 254 -4.35 2.96 -15.35
CA GLY D 254 -4.55 3.97 -14.32
C GLY D 254 -5.88 3.89 -13.58
N LEU D 255 -6.61 2.78 -13.77
CA LEU D 255 -7.95 2.58 -13.22
C LEU D 255 -8.12 3.04 -11.78
N PHE D 256 -9.17 3.86 -11.57
CA PHE D 256 -9.57 4.35 -10.25
C PHE D 256 -9.00 5.74 -10.01
PA NAD E . -3.38 -18.21 20.38
O1A NAD E . -2.97 -19.56 19.87
O2A NAD E . -2.91 -17.73 21.70
O5B NAD E . -5.01 -18.12 20.28
C5B NAD E . -5.71 -18.70 19.17
C4B NAD E . -7.04 -19.24 19.62
O4B NAD E . -7.60 -19.65 18.38
C3B NAD E . -6.81 -20.54 20.46
O3B NAD E . -7.56 -20.48 21.67
C2B NAD E . -7.36 -21.65 19.60
O2B NAD E . -8.02 -22.68 20.44
C1B NAD E . -8.35 -20.84 18.75
N9A NAD E . -8.69 -21.56 17.52
C8A NAD E . -7.85 -22.14 16.66
N7A NAD E . -8.56 -22.71 15.69
C5A NAD E . -9.87 -22.49 15.91
C6A NAD E . -11.05 -22.82 15.25
N6A NAD E . -11.01 -23.53 14.13
N1A NAD E . -12.24 -22.41 15.76
C2A NAD E . -12.25 -21.71 16.90
N3A NAD E . -11.14 -21.36 17.59
C4A NAD E . -9.95 -21.74 17.10
O3 NAD E . -2.90 -17.17 19.22
PN NAD E . -2.89 -15.57 19.32
O1N NAD E . -1.47 -15.11 19.29
O2N NAD E . -3.80 -15.17 20.39
O5D NAD E . -3.49 -15.16 17.86
C5D NAD E . -4.83 -14.60 17.70
C4D NAD E . -5.02 -14.07 16.26
O4D NAD E . -4.03 -13.03 16.03
C3D NAD E . -4.76 -15.12 15.17
O3D NAD E . -5.50 -14.69 14.05
C2D NAD E . -3.26 -14.97 14.88
O2D NAD E . -2.85 -15.49 13.59
C1D NAD E . -3.14 -13.44 14.93
N1N NAD E . -1.74 -12.88 15.11
C2N NAD E . -0.91 -13.20 16.20
C3N NAD E . 0.37 -12.64 16.32
C7N NAD E . 1.32 -12.98 17.50
O7N NAD E . 2.65 -12.70 17.43
N7N NAD E . 0.80 -13.58 18.57
C4N NAD E . 0.83 -11.77 15.34
C5N NAD E . 0.02 -11.44 14.25
C6N NAD E . -1.25 -11.97 14.13
PA NAD F . -9.42 24.47 7.75
O1A NAD F . -9.17 25.37 6.56
O2A NAD F . -10.79 24.51 8.36
O5B NAD F . -8.36 24.76 8.93
C5B NAD F . -6.95 24.84 8.66
C4B NAD F . -6.35 25.76 9.69
O4B NAD F . -4.94 25.87 9.49
C3B NAD F . -6.96 27.19 9.47
O3B NAD F . -7.33 27.72 10.74
C2B NAD F . -5.80 27.95 8.85
O2B NAD F . -5.87 29.38 9.11
C1B NAD F . -4.64 27.28 9.57
N9A NAD F . -3.43 27.57 8.82
C8A NAD F . -3.32 27.65 7.47
N7A NAD F . -2.03 27.92 7.16
C5A NAD F . -1.34 28.01 8.30
C6A NAD F . 0.01 28.29 8.63
N6A NAD F . 0.91 28.54 7.65
N1A NAD F . 0.38 28.32 9.94
C2A NAD F . -0.51 28.07 10.89
N3A NAD F . -1.80 27.81 10.63
C4A NAD F . -2.24 27.80 9.37
O3 NAD F . -8.98 23.01 7.19
PN NAD F . -9.45 21.52 7.79
O1N NAD F . -10.41 20.90 6.85
O2N NAD F . -9.81 21.66 9.22
O5D NAD F . -8.03 20.77 7.64
C5D NAD F . -7.16 20.39 8.73
C4D NAD F . -6.06 19.44 8.24
O4D NAD F . -6.81 18.28 7.77
C3D NAD F . -5.34 20.00 7.00
O3D NAD F . -4.01 19.47 6.92
C2D NAD F . -6.13 19.43 5.84
O2D NAD F . -5.35 19.34 4.64
C1D NAD F . -6.42 18.03 6.41
N1N NAD F . -7.47 17.31 5.62
C2N NAD F . -8.78 17.82 5.55
C3N NAD F . -9.75 17.15 4.82
C7N NAD F . -11.18 17.68 4.72
O7N NAD F . -12.05 17.08 3.87
N7N NAD F . -11.53 18.72 5.47
C4N NAD F . -9.42 15.97 4.15
C5N NAD F . -8.12 15.45 4.22
C6N NAD F . -7.15 16.12 4.95
PA NAD G . 24.24 10.13 -8.94
O1A NAD G . 24.67 11.03 -7.85
O2A NAD G . 25.21 9.19 -9.56
O5B NAD G . 23.55 10.90 -10.13
C5B NAD G . 22.82 12.12 -9.93
C4B NAD G . 23.04 13.13 -11.05
O4B NAD G . 22.14 14.17 -10.67
C3B NAD G . 24.45 13.81 -11.02
O3B NAD G . 25.03 13.78 -12.34
C2B NAD G . 24.14 15.26 -10.59
O2B NAD G . 24.99 16.25 -11.23
C1B NAD G . 22.74 15.40 -11.09
N9A NAD G . 22.03 16.50 -10.38
C8A NAD G . 22.01 16.69 -9.07
N7A NAD G . 21.27 17.77 -8.80
C5A NAD G . 20.83 18.27 -9.96
C6A NAD G . 20.02 19.34 -10.29
N6A NAD G . 19.54 20.14 -9.35
N1A NAD G . 19.76 19.60 -11.58
C2A NAD G . 20.24 18.79 -12.53
N3A NAD G . 21.01 17.72 -12.25
C4A NAD G . 21.32 17.45 -10.96
O3 NAD G . 22.97 9.33 -8.25
PN NAD G . 22.18 8.07 -8.85
O1N NAD G . 22.34 6.91 -7.90
O2N NAD G . 22.35 7.91 -10.33
O5D NAD G . 20.65 8.54 -8.59
C5D NAD G . 19.78 9.03 -9.59
C4D NAD G . 18.31 8.99 -9.10
O4D NAD G . 18.11 7.62 -8.57
C3D NAD G . 18.08 9.95 -7.93
O3D NAD G . 16.75 10.47 -8.01
C2D NAD G . 18.25 9.04 -6.73
O2D NAD G . 17.60 9.54 -5.53
C1D NAD G . 17.56 7.78 -7.26
N1N NAD G . 17.85 6.53 -6.50
C2N NAD G . 19.16 6.08 -6.36
C3N NAD G . 19.41 4.93 -5.64
C7N NAD G . 20.80 4.40 -5.49
O7N NAD G . 21.00 3.38 -4.63
N7N NAD G . 21.77 4.92 -6.24
C4N NAD G . 18.36 4.21 -5.04
C5N NAD G . 17.06 4.68 -5.17
C6N NAD G . 16.78 5.83 -5.90
PA NAD H . -10.38 -16.80 -19.19
O1A NAD H . -11.64 -17.40 -18.68
O2A NAD H . -10.34 -16.19 -20.54
O5B NAD H . -9.09 -17.77 -19.03
C5B NAD H . -9.08 -18.70 -17.93
C4B NAD H . -8.57 -20.09 -18.35
O4B NAD H . -8.36 -20.79 -17.11
C3B NAD H . -9.63 -20.88 -19.14
O3B NAD H . -9.02 -21.43 -20.30
C2B NAD H . -10.07 -21.97 -18.15
O2B NAD H . -10.42 -23.21 -18.84
C1B NAD H . -8.80 -22.14 -17.32
N9A NAD H . -9.08 -22.80 -16.03
C8A NAD H . -10.14 -22.60 -15.24
N7A NAD H . -10.04 -23.42 -14.17
C5A NAD H . -8.91 -24.12 -14.31
C6A NAD H . -8.31 -25.10 -13.53
N6A NAD H . -8.89 -25.49 -12.39
N1A NAD H . -7.14 -25.63 -13.95
C2A NAD H . -6.58 -25.23 -15.09
N3A NAD H . -7.14 -24.29 -15.87
C4A NAD H . -8.31 -23.74 -15.49
O3 NAD H . -10.06 -15.66 -18.06
PN NAD H . -8.84 -14.62 -18.24
O1N NAD H . -9.40 -13.26 -18.40
O2N NAD H . -7.84 -15.17 -19.20
O5D NAD H . -8.18 -14.73 -16.75
C5D NAD H . -6.82 -15.13 -16.56
C4D NAD H . -6.29 -14.71 -15.19
O4D NAD H . -6.33 -13.28 -15.17
C3D NAD H . -7.22 -15.19 -14.07
O3D NAD H . -6.44 -15.48 -12.90
C2D NAD H . -8.11 -13.98 -13.86
O2D NAD H . -8.74 -14.00 -12.57
C1D NAD H . -7.07 -12.89 -13.98
N1N NAD H . -7.65 -11.53 -14.18
C2N NAD H . -8.53 -11.26 -15.24
C3N NAD H . -9.04 -9.98 -15.41
C7N NAD H . -9.99 -9.68 -16.53
O7N NAD H . -10.73 -8.53 -16.50
N7N NAD H . -10.06 -10.58 -17.50
C4N NAD H . -8.69 -8.97 -14.51
C5N NAD H . -7.81 -9.22 -13.46
C6N NAD H . -7.28 -10.50 -13.29
#